data_4ON1
#
_entry.id   4ON1
#
_cell.length_a   44.424
_cell.length_b   114.395
_cell.length_c   140.213
_cell.angle_alpha   90.00
_cell.angle_beta   90.00
_cell.angle_gamma   90.00
#
_symmetry.space_group_name_H-M   'P 21 21 21'
#
loop_
_entity.id
_entity.type
_entity.pdbx_description
1 polymer 'Putative metalloprotease II'
2 non-polymer 'ZINC ION'
3 non-polymer GLYCEROL
4 water water
#
_entity_poly.entity_id   1
_entity_poly.type   'polypeptide(L)'
_entity_poly.pdbx_seq_one_letter_code
;ACADDLLHVEETASPQLEHVLNLRSMDYEDLAGVLSKISNTEHTIMLQEGSELWTTSIKAIHGVEIEESNRPVYLFEGQD
KDSINAILSQSYATIRLQRGGDLIDYIVYKDKERMAEIANYYQNHYLSASSDTSDKIVVCNTGEDTRSGKSDIKNIRIDI
TKAIGNNPFKGLPIKDYPTEKLSTIDKNSILSLSSRATYPATLEFMLIKEKDGGSLEHDITSQIQAVTTSLKFLIDSGFI
TVKYTIKDSSHKGGASDYEVSALESFQNYLRSWDEVKGQDKKPYILLRDGTWDSGKTFGYASGIGVIHLNNPRGNFEVAA
ISTTSSSHPYTLAHEIGHLLGAEHVDNEQDLMYTWYSPQVTPNHLSADNWVRMLECIQK
;
_entity_poly.pdbx_strand_id   A,B
#
# COMPACT_ATOMS: atom_id res chain seq x y z
N PRO A 15 -23.85 -5.54 -16.46
CA PRO A 15 -23.77 -4.53 -15.39
C PRO A 15 -22.41 -3.86 -15.37
N GLN A 16 -21.58 -4.19 -14.39
CA GLN A 16 -20.23 -3.63 -14.34
C GLN A 16 -19.25 -4.65 -14.90
N LEU A 17 -19.79 -5.67 -15.56
CA LEU A 17 -18.98 -6.65 -16.27
C LEU A 17 -18.44 -6.12 -17.58
N GLU A 18 -17.18 -6.43 -17.86
CA GLU A 18 -16.57 -6.06 -19.14
C GLU A 18 -16.11 -7.26 -19.95
N HIS A 19 -15.91 -8.40 -19.30
CA HIS A 19 -15.38 -9.57 -19.99
C HIS A 19 -15.94 -10.88 -19.45
N VAL A 20 -15.99 -11.89 -20.30
CA VAL A 20 -16.24 -13.25 -19.87
C VAL A 20 -15.06 -14.10 -20.28
N LEU A 21 -14.79 -15.15 -19.52
CA LEU A 21 -13.65 -16.01 -19.77
C LEU A 21 -13.93 -17.39 -19.22
N ASN A 22 -13.92 -18.38 -20.09
CA ASN A 22 -14.07 -19.78 -19.69
C ASN A 22 -12.68 -20.37 -19.48
N LEU A 23 -12.32 -20.57 -18.23
CA LEU A 23 -10.98 -21.02 -17.86
C LEU A 23 -10.63 -22.39 -18.41
N ARG A 24 -11.64 -23.23 -18.62
CA ARG A 24 -11.40 -24.56 -19.16
C ARG A 24 -11.08 -24.54 -20.66
N SER A 25 -11.74 -23.66 -21.41
CA SER A 25 -11.66 -23.70 -22.86
C SER A 25 -10.74 -22.62 -23.43
N MET A 26 -10.26 -21.73 -22.59
CA MET A 26 -9.52 -20.57 -23.10
C MET A 26 -8.16 -20.97 -23.66
N ASP A 27 -7.74 -20.30 -24.72
CA ASP A 27 -6.35 -20.39 -25.14
C ASP A 27 -5.75 -18.99 -25.11
N TYR A 28 -4.54 -18.82 -25.66
CA TYR A 28 -3.82 -17.55 -25.55
C TYR A 28 -4.66 -16.37 -26.04
N GLU A 29 -5.28 -16.49 -27.21
CA GLU A 29 -6.01 -15.34 -27.74
C GLU A 29 -7.19 -14.93 -26.86
N ASP A 30 -7.82 -15.89 -26.20
CA ASP A 30 -8.89 -15.55 -25.26
C ASP A 30 -8.39 -14.73 -24.08
N LEU A 31 -7.38 -15.25 -23.38
CA LEU A 31 -6.87 -14.59 -22.19
C LEU A 31 -6.17 -13.28 -22.55
N ALA A 32 -5.35 -13.30 -23.60
CA ALA A 32 -4.67 -12.08 -24.05
C ALA A 32 -5.68 -11.06 -24.55
N GLY A 33 -6.76 -11.53 -25.16
CA GLY A 33 -7.82 -10.67 -25.64
C GLY A 33 -8.42 -9.86 -24.50
N VAL A 34 -8.53 -10.48 -23.34
CA VAL A 34 -9.01 -9.80 -22.14
C VAL A 34 -7.93 -8.88 -21.53
N LEU A 35 -6.76 -9.44 -21.26
CA LEU A 35 -5.71 -8.70 -20.56
C LEU A 35 -5.18 -7.47 -21.31
N SER A 36 -5.11 -7.55 -22.64
CA SER A 36 -4.58 -6.44 -23.43
C SER A 36 -5.48 -5.20 -23.42
N LYS A 37 -6.72 -5.35 -22.95
CA LYS A 37 -7.64 -4.20 -22.90
C LYS A 37 -7.64 -3.51 -21.54
N ILE A 38 -6.84 -4.03 -20.61
CA ILE A 38 -6.81 -3.51 -19.24
C ILE A 38 -5.60 -2.61 -19.01
N SER A 39 -5.84 -1.32 -18.77
CA SER A 39 -4.74 -0.35 -18.67
C SER A 39 -4.73 0.47 -17.38
N ASN A 40 -5.67 1.39 -17.24
CA ASN A 40 -5.65 2.32 -16.11
C ASN A 40 -6.68 1.99 -15.06
N THR A 41 -7.85 1.57 -15.54
CA THR A 41 -8.98 1.31 -14.67
C THR A 41 -9.15 -0.16 -14.33
N GLU A 42 -9.91 -0.42 -13.28
CA GLU A 42 -10.31 -1.76 -12.88
C GLU A 42 -11.31 -2.35 -13.89
N HIS A 43 -11.06 -3.60 -14.30
CA HIS A 43 -12.00 -4.31 -15.16
C HIS A 43 -12.59 -5.48 -14.40
N THR A 44 -13.87 -5.74 -14.62
CA THR A 44 -14.51 -6.85 -13.92
C THR A 44 -14.73 -7.96 -14.92
N ILE A 45 -14.34 -9.17 -14.54
CA ILE A 45 -14.38 -10.32 -15.41
C ILE A 45 -15.23 -11.43 -14.82
N MET A 46 -16.11 -12.00 -15.62
CA MET A 46 -16.81 -13.20 -15.20
C MET A 46 -16.07 -14.45 -15.65
N LEU A 47 -15.63 -15.23 -14.67
CA LEU A 47 -14.88 -16.45 -14.94
C LEU A 47 -15.80 -17.65 -14.84
N GLN A 48 -15.51 -18.66 -15.66
CA GLN A 48 -16.20 -19.93 -15.54
C GLN A 48 -15.20 -21.07 -15.50
N GLU A 49 -15.39 -21.97 -14.54
CA GLU A 49 -14.70 -23.24 -14.53
C GLU A 49 -15.71 -24.35 -14.19
N GLY A 50 -16.05 -25.15 -15.20
CA GLY A 50 -17.09 -26.16 -15.04
C GLY A 50 -18.42 -25.51 -14.68
N SER A 51 -19.02 -25.95 -13.58
CA SER A 51 -20.31 -25.42 -13.17
C SER A 51 -20.19 -24.20 -12.26
N GLU A 52 -18.95 -23.78 -11.97
CA GLU A 52 -18.74 -22.61 -11.13
C GLU A 52 -18.47 -21.37 -11.96
N LEU A 53 -19.29 -20.34 -11.72
CA LEU A 53 -19.12 -19.06 -12.39
C LEU A 53 -19.06 -18.00 -11.32
N TRP A 54 -18.10 -17.08 -11.45
CA TRP A 54 -17.94 -16.00 -10.47
C TRP A 54 -17.25 -14.81 -11.09
N THR A 55 -17.40 -13.65 -10.46
CA THR A 55 -16.77 -12.43 -10.96
C THR A 55 -15.54 -12.08 -10.15
N THR A 56 -14.57 -11.46 -10.82
CA THR A 56 -13.41 -10.91 -10.15
C THR A 56 -13.06 -9.62 -10.84
N SER A 57 -12.30 -8.76 -10.17
CA SER A 57 -11.84 -7.55 -10.80
C SER A 57 -10.31 -7.53 -10.79
N ILE A 58 -9.69 -7.01 -11.84
CA ILE A 58 -8.24 -6.84 -11.85
C ILE A 58 -7.86 -5.53 -12.52
N LYS A 59 -6.63 -5.07 -12.27
CA LYS A 59 -6.11 -3.94 -12.98
C LYS A 59 -4.62 -4.11 -13.23
N ALA A 60 -4.10 -3.34 -14.17
CA ALA A 60 -2.68 -3.36 -14.47
C ALA A 60 -1.88 -2.86 -13.27
N ILE A 61 -0.69 -3.44 -13.07
CA ILE A 61 0.20 -3.03 -11.99
C ILE A 61 1.14 -1.94 -12.48
N HIS A 62 1.19 -0.82 -11.77
CA HIS A 62 2.07 0.28 -12.16
C HIS A 62 3.33 0.33 -11.28
N GLY A 63 4.37 1.01 -11.76
CA GLY A 63 5.61 1.09 -11.00
C GLY A 63 6.58 -0.03 -11.35
N VAL A 64 6.18 -0.92 -12.26
CA VAL A 64 7.07 -2.00 -12.67
C VAL A 64 7.13 -2.14 -14.18
N GLU A 65 8.32 -2.47 -14.66
CA GLU A 65 8.58 -2.69 -16.08
C GLU A 65 9.31 -4.00 -16.25
N ILE A 66 8.85 -4.82 -17.21
CA ILE A 66 9.50 -6.08 -17.51
C ILE A 66 9.90 -6.14 -18.98
N GLU A 67 11.15 -6.47 -19.24
CA GLU A 67 11.63 -6.63 -20.61
C GLU A 67 12.01 -8.08 -20.84
N GLU A 68 11.36 -8.70 -21.81
CA GLU A 68 11.53 -10.10 -22.15
C GLU A 68 11.68 -10.22 -23.67
N SER A 69 12.82 -10.71 -24.13
CA SER A 69 13.12 -10.74 -25.57
C SER A 69 12.90 -9.38 -26.22
N ASN A 70 13.40 -8.34 -25.54
CA ASN A 70 13.22 -6.95 -25.97
C ASN A 70 11.76 -6.57 -26.17
N ARG A 71 10.86 -7.18 -25.41
CA ARG A 71 9.44 -6.84 -25.50
C ARG A 71 8.87 -6.67 -24.09
N PRO A 72 7.89 -5.76 -23.93
CA PRO A 72 7.31 -5.55 -22.60
C PRO A 72 6.43 -6.72 -22.16
N VAL A 73 6.44 -7.00 -20.86
CA VAL A 73 5.52 -7.95 -20.25
C VAL A 73 4.74 -7.21 -19.17
N TYR A 74 3.44 -7.46 -19.07
CA TYR A 74 2.60 -6.69 -18.18
C TYR A 74 2.06 -7.56 -17.03
N LEU A 75 1.96 -6.96 -15.86
CA LEU A 75 1.45 -7.64 -14.68
C LEU A 75 0.08 -7.07 -14.31
N PHE A 76 -0.76 -7.91 -13.74
CA PHE A 76 -2.10 -7.51 -13.33
C PHE A 76 -2.38 -8.11 -11.97
N GLU A 77 -3.24 -7.48 -11.19
CA GLU A 77 -3.63 -8.01 -9.90
C GLU A 77 -5.06 -7.65 -9.51
N GLY A 78 -5.65 -8.51 -8.68
CA GLY A 78 -6.96 -8.30 -8.09
C GLY A 78 -6.97 -7.15 -7.12
N GLN A 79 -8.12 -6.50 -6.98
CA GLN A 79 -8.23 -5.31 -6.17
C GLN A 79 -8.27 -5.48 -4.66
N ASP A 80 -9.15 -6.35 -4.18
CA ASP A 80 -9.37 -6.45 -2.74
C ASP A 80 -9.99 -7.80 -2.41
N LYS A 81 -9.21 -8.64 -1.72
CA LYS A 81 -9.64 -9.98 -1.34
C LYS A 81 -9.81 -10.87 -2.58
N ASP A 82 -9.72 -10.23 -3.74
CA ASP A 82 -9.82 -10.89 -5.03
C ASP A 82 -8.75 -11.98 -5.05
N SER A 83 -7.55 -11.59 -4.62
CA SER A 83 -6.38 -12.46 -4.58
C SER A 83 -6.16 -13.17 -5.92
N ILE A 84 -6.07 -12.38 -6.98
CA ILE A 84 -5.76 -12.90 -8.31
C ILE A 84 -4.60 -12.11 -8.94
N ASN A 85 -3.77 -12.80 -9.71
CA ASN A 85 -2.71 -12.16 -10.49
C ASN A 85 -2.78 -12.68 -11.92
N ALA A 86 -2.28 -11.88 -12.86
CA ALA A 86 -2.18 -12.31 -14.25
C ALA A 86 -0.95 -11.71 -14.88
N ILE A 87 -0.51 -12.35 -15.96
CA ILE A 87 0.66 -11.91 -16.72
C ILE A 87 0.33 -11.90 -18.20
N LEU A 88 0.66 -10.82 -18.91
CA LEU A 88 0.49 -10.80 -20.35
C LEU A 88 1.82 -10.59 -21.05
N SER A 89 2.26 -11.61 -21.77
CA SER A 89 3.42 -11.51 -22.64
C SER A 89 2.95 -11.67 -24.07
N GLN A 90 3.78 -11.30 -25.03
CA GLN A 90 3.42 -11.50 -26.42
C GLN A 90 3.45 -12.97 -26.80
N SER A 91 4.10 -13.80 -25.98
CA SER A 91 4.27 -15.23 -26.26
C SER A 91 3.43 -16.15 -25.38
N TYR A 92 2.92 -15.62 -24.28
CA TYR A 92 2.16 -16.43 -23.35
C TYR A 92 1.36 -15.52 -22.42
N ALA A 93 0.43 -16.11 -21.68
CA ALA A 93 -0.28 -15.37 -20.65
C ALA A 93 -0.62 -16.32 -19.54
N THR A 94 -0.79 -15.78 -18.33
CA THR A 94 -1.12 -16.62 -17.18
C THR A 94 -2.12 -15.93 -16.29
N ILE A 95 -2.84 -16.73 -15.52
CA ILE A 95 -3.68 -16.26 -14.43
C ILE A 95 -3.37 -17.12 -13.24
N ARG A 96 -3.19 -16.48 -12.09
CA ARG A 96 -3.00 -17.21 -10.85
C ARG A 96 -4.09 -16.79 -9.87
N LEU A 97 -4.81 -17.77 -9.34
CA LEU A 97 -5.84 -17.45 -8.35
C LEU A 97 -6.12 -18.60 -7.41
N GLN A 98 -6.97 -18.34 -6.41
CA GLN A 98 -7.33 -19.36 -5.44
C GLN A 98 -8.58 -20.12 -5.85
N ARG A 99 -8.48 -21.44 -5.85
CA ARG A 99 -9.63 -22.32 -6.06
C ARG A 99 -9.67 -23.36 -4.96
N GLY A 100 -10.73 -23.35 -4.16
CA GLY A 100 -10.91 -24.33 -3.11
C GLY A 100 -9.76 -24.34 -2.11
N GLY A 101 -9.20 -23.17 -1.84
CA GLY A 101 -8.07 -23.05 -0.92
C GLY A 101 -6.71 -23.28 -1.55
N ASP A 102 -6.69 -23.78 -2.78
CA ASP A 102 -5.43 -24.03 -3.47
C ASP A 102 -5.06 -22.88 -4.41
N LEU A 103 -3.76 -22.61 -4.50
CA LEU A 103 -3.26 -21.65 -5.47
C LEU A 103 -3.12 -22.32 -6.85
N ILE A 104 -3.84 -21.80 -7.84
CA ILE A 104 -3.90 -22.42 -9.16
C ILE A 104 -3.30 -21.53 -10.25
N ASP A 105 -2.43 -22.11 -11.07
CA ASP A 105 -1.86 -21.42 -12.24
C ASP A 105 -2.55 -21.87 -13.53
N TYR A 106 -3.07 -20.93 -14.31
CA TYR A 106 -3.56 -21.25 -15.66
C TYR A 106 -2.58 -20.67 -16.66
N ILE A 107 -2.06 -21.52 -17.55
CA ILE A 107 -0.96 -21.13 -18.44
C ILE A 107 -1.35 -21.34 -19.90
N VAL A 108 -1.23 -20.29 -20.70
CA VAL A 108 -1.49 -20.36 -22.14
C VAL A 108 -0.35 -19.76 -22.94
N TYR A 109 0.17 -20.53 -23.90
CA TYR A 109 1.21 -20.06 -24.81
C TYR A 109 0.62 -19.81 -26.19
N LYS A 110 1.09 -18.76 -26.86
CA LYS A 110 0.55 -18.43 -28.18
C LYS A 110 0.90 -19.49 -29.21
N ASP A 111 2.15 -19.93 -29.19
CA ASP A 111 2.64 -20.91 -30.15
C ASP A 111 2.25 -22.32 -29.71
N LYS A 112 1.53 -23.03 -30.57
CA LYS A 112 1.04 -24.36 -30.23
C LYS A 112 2.16 -25.35 -29.92
N GLU A 113 3.25 -25.31 -30.69
CA GLU A 113 4.38 -26.20 -30.43
C GLU A 113 4.96 -25.90 -29.06
N ARG A 114 5.20 -24.63 -28.77
CA ARG A 114 5.75 -24.28 -27.46
C ARG A 114 4.79 -24.75 -26.36
N MET A 115 3.49 -24.53 -26.57
CA MET A 115 2.51 -24.99 -25.59
C MET A 115 2.65 -26.50 -25.32
N ALA A 116 2.86 -27.26 -26.39
CA ALA A 116 3.01 -28.71 -26.27
C ALA A 116 4.26 -29.05 -25.47
N GLU A 117 5.35 -28.32 -25.74
CA GLU A 117 6.58 -28.52 -24.99
C GLU A 117 6.39 -28.20 -23.51
N ILE A 118 5.67 -27.13 -23.22
CA ILE A 118 5.41 -26.75 -21.84
C ILE A 118 4.58 -27.82 -21.13
N ALA A 119 3.55 -28.32 -21.81
CA ALA A 119 2.71 -29.35 -21.22
C ALA A 119 3.50 -30.63 -20.93
N ASN A 120 4.42 -30.98 -21.84
CA ASN A 120 5.27 -32.16 -21.64
C ASN A 120 6.15 -32.00 -20.40
N TYR A 121 6.68 -30.79 -20.22
CA TYR A 121 7.47 -30.51 -19.03
C TYR A 121 6.68 -30.86 -17.77
N TYR A 122 5.46 -30.34 -17.67
CA TYR A 122 4.66 -30.55 -16.47
C TYR A 122 4.19 -32.00 -16.33
N GLN A 123 3.97 -32.67 -17.45
CA GLN A 123 3.62 -34.08 -17.42
C GLN A 123 4.79 -34.92 -16.90
N ASN A 124 5.99 -34.59 -17.35
CA ASN A 124 7.16 -35.35 -16.95
C ASN A 124 7.60 -35.08 -15.50
N HIS A 125 7.25 -33.91 -14.98
CA HIS A 125 7.71 -33.52 -13.66
C HIS A 125 6.69 -33.69 -12.53
N TYR A 126 5.41 -33.85 -12.87
CA TYR A 126 4.39 -33.99 -11.82
C TYR A 126 3.45 -35.18 -12.04
N LEU A 127 3.37 -35.66 -13.27
CA LEU A 127 2.57 -36.85 -13.57
C LEU A 127 3.48 -38.05 -13.80
N ASP A 135 -6.71 -34.71 -6.76
CA ASP A 135 -5.65 -35.62 -7.18
C ASP A 135 -4.88 -35.06 -8.37
N LYS A 136 -5.55 -34.20 -9.13
CA LYS A 136 -5.02 -33.60 -10.35
C LYS A 136 -4.06 -32.42 -10.11
N ILE A 137 -2.77 -32.68 -9.92
CA ILE A 137 -1.80 -31.59 -9.86
C ILE A 137 -1.73 -30.86 -11.22
N VAL A 138 -1.66 -31.63 -12.29
CA VAL A 138 -1.58 -31.05 -13.63
C VAL A 138 -2.77 -31.45 -14.49
N VAL A 139 -3.49 -30.46 -14.99
CA VAL A 139 -4.58 -30.70 -15.94
C VAL A 139 -4.29 -30.03 -17.28
N CYS A 140 -4.38 -30.78 -18.37
CA CYS A 140 -4.19 -30.22 -19.70
C CYS A 140 -5.53 -30.17 -20.42
N ASN A 141 -5.97 -28.96 -20.78
CA ASN A 141 -7.22 -28.80 -21.50
C ASN A 141 -6.99 -28.73 -23.00
N THR A 142 -7.64 -29.65 -23.73
CA THR A 142 -7.43 -29.77 -25.17
C THR A 142 -8.70 -29.54 -25.99
N GLY A 143 -8.53 -29.38 -27.30
CA GLY A 143 -9.65 -29.25 -28.21
C GLY A 143 -10.15 -30.58 -28.73
N ASP A 152 -4.34 -31.13 -29.51
CA ASP A 152 -4.34 -29.67 -29.53
C ASP A 152 -4.59 -29.09 -28.14
N ILE A 153 -3.52 -28.74 -27.44
CA ILE A 153 -3.65 -28.24 -26.06
C ILE A 153 -3.99 -26.75 -26.04
N LYS A 154 -5.04 -26.41 -25.30
CA LYS A 154 -5.52 -25.04 -25.17
C LYS A 154 -4.80 -24.30 -24.04
N ASN A 155 -4.80 -24.93 -22.87
CA ASN A 155 -4.19 -24.38 -21.67
C ASN A 155 -3.71 -25.47 -20.72
N ILE A 156 -2.94 -25.05 -19.73
CA ILE A 156 -2.46 -25.92 -18.68
C ILE A 156 -2.89 -25.33 -17.34
N ARG A 157 -3.43 -26.19 -16.47
CA ARG A 157 -3.87 -25.80 -15.14
C ARG A 157 -3.03 -26.54 -14.09
N ILE A 158 -2.24 -25.79 -13.33
CA ILE A 158 -1.34 -26.38 -12.36
C ILE A 158 -1.77 -26.02 -10.94
N ASP A 159 -1.90 -27.01 -10.07
CA ASP A 159 -2.17 -26.73 -8.67
C ASP A 159 -0.85 -26.51 -7.94
N ILE A 160 -0.51 -25.24 -7.71
CA ILE A 160 0.76 -24.89 -7.06
C ILE A 160 0.82 -25.43 -5.64
N THR A 161 -0.28 -25.27 -4.91
CA THR A 161 -0.36 -25.73 -3.53
C THR A 161 -0.05 -27.21 -3.43
N LYS A 162 -0.65 -28.00 -4.32
CA LYS A 162 -0.38 -29.44 -4.37
C LYS A 162 1.09 -29.72 -4.69
N ALA A 163 1.61 -29.04 -5.71
CA ALA A 163 2.99 -29.21 -6.13
C ALA A 163 3.98 -28.92 -5.01
N ILE A 164 3.70 -27.87 -4.25
CA ILE A 164 4.52 -27.52 -3.10
C ILE A 164 4.43 -28.60 -2.04
N GLY A 165 3.22 -29.11 -1.79
CA GLY A 165 2.99 -30.11 -0.76
C GLY A 165 3.73 -31.42 -0.97
N ASN A 166 4.11 -31.69 -2.21
CA ASN A 166 4.83 -32.91 -2.56
C ASN A 166 6.36 -32.74 -2.53
N ASN A 167 6.81 -31.52 -2.23
CA ASN A 167 8.25 -31.24 -2.14
C ASN A 167 8.91 -31.76 -0.86
N PRO A 168 10.16 -32.23 -1.00
CA PRO A 168 10.95 -32.68 0.16
C PRO A 168 11.56 -31.50 0.93
N PHE A 169 12.37 -31.81 1.94
CA PHE A 169 13.14 -30.84 2.73
C PHE A 169 12.30 -29.83 3.50
N LYS A 170 10.99 -30.07 3.58
CA LYS A 170 10.10 -29.20 4.32
C LYS A 170 10.44 -29.20 5.82
N GLY A 171 10.68 -28.02 6.37
CA GLY A 171 11.01 -27.91 7.77
C GLY A 171 12.51 -27.76 7.98
N LEU A 172 13.27 -28.01 6.90
CA LEU A 172 14.72 -27.93 6.96
C LEU A 172 15.15 -26.46 6.83
N PRO A 173 16.22 -26.08 7.54
CA PRO A 173 16.60 -24.66 7.51
C PRO A 173 17.17 -24.23 6.17
N ILE A 174 16.68 -23.08 5.69
CA ILE A 174 17.11 -22.51 4.41
C ILE A 174 18.48 -21.88 4.66
N LYS A 175 19.43 -22.16 3.77
CA LYS A 175 20.84 -21.80 4.01
C LYS A 175 21.41 -21.07 2.81
N ASP A 176 20.93 -19.86 2.58
CA ASP A 176 21.00 -19.26 1.25
C ASP A 176 21.70 -17.89 1.20
N TYR A 177 22.67 -17.70 2.07
CA TYR A 177 23.55 -16.52 2.06
C TYR A 177 24.82 -16.83 2.86
N PRO A 178 25.93 -16.11 2.58
CA PRO A 178 27.17 -16.43 3.31
C PRO A 178 27.14 -15.87 4.72
N THR A 179 27.93 -16.45 5.63
CA THR A 179 27.97 -15.92 6.99
C THR A 179 28.94 -14.76 7.11
N GLU A 180 28.40 -13.59 7.43
CA GLU A 180 29.16 -12.38 7.79
C GLU A 180 30.44 -12.16 6.97
N ALA A 197 16.49 8.99 -1.84
CA ALA A 197 15.89 7.69 -1.57
C ALA A 197 14.41 7.66 -1.97
N THR A 198 13.79 8.83 -1.98
CA THR A 198 12.35 8.99 -2.23
C THR A 198 11.96 9.35 -3.68
N TYR A 199 12.84 9.10 -4.62
CA TYR A 199 12.94 9.97 -5.81
C TYR A 199 11.81 9.96 -6.88
N PRO A 200 11.30 8.78 -7.30
CA PRO A 200 11.55 7.38 -6.95
C PRO A 200 12.77 6.80 -7.66
N ALA A 201 13.65 6.19 -6.90
CA ALA A 201 14.82 5.57 -7.51
C ALA A 201 14.42 4.34 -8.31
N THR A 202 15.01 4.18 -9.49
CA THR A 202 14.77 2.99 -10.29
C THR A 202 15.68 1.86 -9.86
N LEU A 203 15.08 0.74 -9.46
CA LEU A 203 15.83 -0.46 -9.15
C LEU A 203 15.69 -1.44 -10.31
N GLU A 204 16.77 -1.73 -11.01
CA GLU A 204 16.72 -2.66 -12.15
C GLU A 204 17.37 -3.99 -11.83
N PHE A 205 16.59 -5.07 -11.88
CA PHE A 205 17.12 -6.42 -11.71
C PHE A 205 17.48 -7.03 -13.06
N MET A 206 18.71 -7.51 -13.17
CA MET A 206 19.15 -8.21 -14.38
C MET A 206 18.98 -9.71 -14.15
N LEU A 207 17.99 -10.28 -14.83
CA LEU A 207 17.67 -11.68 -14.63
C LEU A 207 18.28 -12.49 -15.76
N ILE A 208 19.29 -13.28 -15.43
CA ILE A 208 20.10 -13.94 -16.44
C ILE A 208 19.75 -15.41 -16.53
N LYS A 209 19.23 -15.85 -17.68
CA LYS A 209 18.87 -17.25 -17.86
C LYS A 209 20.10 -18.11 -18.08
N GLU A 210 20.31 -19.09 -17.21
CA GLU A 210 21.40 -20.04 -17.37
C GLU A 210 21.23 -20.80 -18.68
N LYS A 211 22.29 -20.90 -19.47
CA LYS A 211 22.20 -21.64 -20.72
C LYS A 211 21.95 -23.13 -20.45
N ASP A 212 20.95 -23.66 -21.14
CA ASP A 212 20.46 -25.03 -20.92
C ASP A 212 19.96 -25.23 -19.49
N GLY A 213 19.65 -24.13 -18.81
CA GLY A 213 19.16 -24.20 -17.44
C GLY A 213 17.70 -24.60 -17.35
N GLY A 214 16.97 -24.45 -18.45
CA GLY A 214 15.59 -24.90 -18.51
C GLY A 214 14.52 -24.01 -17.89
N SER A 215 14.89 -22.82 -17.42
CA SER A 215 13.90 -21.88 -16.88
C SER A 215 12.82 -21.59 -17.91
N LEU A 216 11.56 -21.80 -17.54
CA LEU A 216 10.44 -21.56 -18.45
C LEU A 216 10.03 -20.09 -18.44
N GLU A 217 9.68 -19.56 -19.62
CA GLU A 217 9.35 -18.14 -19.75
C GLU A 217 8.33 -17.66 -18.73
N HIS A 218 7.20 -18.35 -18.61
CA HIS A 218 6.15 -17.95 -17.69
C HIS A 218 6.54 -18.12 -16.22
N ASP A 219 7.42 -19.08 -15.94
CA ASP A 219 7.92 -19.24 -14.57
C ASP A 219 8.72 -18.02 -14.13
N ILE A 220 9.57 -17.50 -15.02
CA ILE A 220 10.38 -16.34 -14.69
C ILE A 220 9.51 -15.15 -14.31
N THR A 221 8.49 -14.89 -15.12
CA THR A 221 7.63 -13.74 -14.84
C THR A 221 6.67 -14.03 -13.68
N SER A 222 6.36 -15.29 -13.43
CA SER A 222 5.63 -15.65 -12.22
C SER A 222 6.47 -15.38 -10.97
N GLN A 223 7.78 -15.69 -11.04
CA GLN A 223 8.68 -15.35 -9.94
C GLN A 223 8.77 -13.84 -9.73
N ILE A 224 8.79 -13.12 -10.85
CA ILE A 224 8.88 -11.66 -10.84
C ILE A 224 7.65 -11.03 -10.19
N GLN A 225 6.49 -11.61 -10.48
CA GLN A 225 5.24 -11.16 -9.90
C GLN A 225 5.31 -11.20 -8.38
N ALA A 226 5.85 -12.30 -7.85
CA ALA A 226 6.03 -12.43 -6.40
C ALA A 226 7.02 -11.40 -5.84
N VAL A 227 8.11 -11.14 -6.56
CA VAL A 227 9.03 -10.09 -6.15
C VAL A 227 8.29 -8.78 -6.05
N THR A 228 7.50 -8.50 -7.08
CA THR A 228 6.75 -7.25 -7.19
C THR A 228 5.76 -7.11 -6.04
N THR A 229 5.11 -8.21 -5.68
CA THR A 229 4.22 -8.20 -4.53
C THR A 229 4.98 -7.92 -3.23
N SER A 230 6.12 -8.57 -3.07
CA SER A 230 6.89 -8.42 -1.84
C SER A 230 7.41 -7.00 -1.66
N LEU A 231 7.60 -6.29 -2.77
CA LEU A 231 8.17 -4.95 -2.73
C LEU A 231 7.15 -3.84 -2.94
N LYS A 232 5.86 -4.21 -2.95
CA LYS A 232 4.80 -3.24 -3.13
C LYS A 232 4.87 -2.08 -2.13
N PHE A 233 5.24 -2.38 -0.89
CA PHE A 233 5.30 -1.32 0.12
C PHE A 233 6.33 -0.23 -0.21
N LEU A 234 7.34 -0.59 -1.00
CA LEU A 234 8.32 0.39 -1.44
C LEU A 234 7.90 1.06 -2.75
N ILE A 235 7.06 0.38 -3.52
CA ILE A 235 6.63 0.89 -4.83
C ILE A 235 5.42 1.82 -4.73
N ASP A 236 4.41 1.41 -3.98
CA ASP A 236 3.19 2.23 -3.81
C ASP A 236 3.48 3.53 -3.09
N SER A 237 4.47 3.51 -2.20
CA SER A 237 4.83 4.68 -1.43
C SER A 237 5.73 5.62 -2.24
N GLY A 238 6.14 5.18 -3.42
CA GLY A 238 6.96 6.01 -4.28
C GLY A 238 8.43 6.03 -3.94
N PHE A 239 8.89 5.08 -3.13
CA PHE A 239 10.32 5.01 -2.84
C PHE A 239 11.12 4.49 -4.03
N ILE A 240 10.60 3.47 -4.71
CA ILE A 240 11.28 2.92 -5.86
C ILE A 240 10.32 2.61 -7.00
N THR A 241 10.86 2.49 -8.21
CA THR A 241 10.19 1.81 -9.29
C THR A 241 11.10 0.63 -9.62
N VAL A 242 10.53 -0.44 -10.15
CA VAL A 242 11.32 -1.64 -10.37
C VAL A 242 11.30 -2.02 -11.84
N LYS A 243 12.47 -2.37 -12.34
CA LYS A 243 12.60 -2.83 -13.71
C LYS A 243 13.23 -4.22 -13.68
N TYR A 244 12.63 -5.15 -14.42
CA TYR A 244 13.19 -6.50 -14.53
C TYR A 244 13.65 -6.74 -15.97
N THR A 245 14.94 -6.95 -16.15
CA THR A 245 15.48 -7.18 -17.49
C THR A 245 15.91 -8.64 -17.63
N ILE A 246 15.20 -9.37 -18.47
CA ILE A 246 15.46 -10.79 -18.65
C ILE A 246 16.33 -11.04 -19.88
N LYS A 247 17.48 -11.65 -19.67
CA LYS A 247 18.42 -11.89 -20.77
C LYS A 247 18.87 -13.33 -20.84
N ASP A 248 19.08 -13.83 -22.06
CA ASP A 248 19.75 -15.11 -22.24
C ASP A 248 21.26 -14.93 -22.07
N SER A 249 21.94 -16.02 -21.72
CA SER A 249 23.38 -16.02 -21.55
C SER A 249 23.97 -17.25 -22.22
N SER A 250 25.29 -17.33 -22.23
CA SER A 250 25.95 -18.56 -22.66
C SER A 250 26.63 -19.19 -21.45
N HIS A 251 26.15 -18.86 -20.26
CA HIS A 251 26.74 -19.40 -19.04
C HIS A 251 26.00 -20.66 -18.59
N LYS A 252 26.72 -21.78 -18.55
CA LYS A 252 26.17 -23.06 -18.10
C LYS A 252 26.63 -23.42 -16.70
N GLY A 253 25.93 -24.36 -16.07
CA GLY A 253 26.32 -24.88 -14.76
C GLY A 253 25.98 -26.36 -14.64
N GLY A 254 26.61 -27.06 -13.70
CA GLY A 254 26.26 -28.47 -13.50
C GLY A 254 25.04 -28.57 -12.61
N ALA A 255 24.34 -29.70 -12.69
CA ALA A 255 23.07 -29.86 -11.97
C ALA A 255 23.18 -29.92 -10.44
N SER A 256 24.24 -30.56 -9.94
CA SER A 256 24.40 -30.76 -8.51
C SER A 256 25.35 -29.75 -7.86
N ASP A 257 25.81 -28.78 -8.66
CA ASP A 257 26.84 -27.83 -8.21
C ASP A 257 26.55 -27.18 -6.86
N TYR A 258 27.63 -26.82 -6.18
CA TYR A 258 27.57 -26.20 -4.88
C TYR A 258 27.31 -24.73 -5.08
N GLU A 259 26.39 -24.18 -4.29
CA GLU A 259 25.87 -22.84 -4.52
C GLU A 259 26.95 -21.75 -4.47
N VAL A 260 27.90 -21.87 -3.55
CA VAL A 260 28.94 -20.85 -3.41
C VAL A 260 29.81 -20.79 -4.67
N SER A 261 30.22 -21.97 -5.15
CA SER A 261 30.98 -22.08 -6.39
C SER A 261 30.16 -21.59 -7.59
N ALA A 262 28.89 -21.97 -7.62
CA ALA A 262 28.00 -21.58 -8.72
C ALA A 262 27.82 -20.06 -8.78
N LEU A 263 27.67 -19.42 -7.64
CA LEU A 263 27.53 -17.96 -7.61
C LEU A 263 28.79 -17.28 -8.11
N GLU A 264 29.94 -17.71 -7.58
CA GLU A 264 31.23 -17.16 -7.97
C GLU A 264 31.49 -17.36 -9.45
N SER A 265 31.14 -18.54 -9.96
CA SER A 265 31.29 -18.82 -11.38
C SER A 265 30.38 -17.91 -12.18
N PHE A 266 29.18 -17.65 -11.67
CA PHE A 266 28.25 -16.72 -12.31
C PHE A 266 28.85 -15.32 -12.39
N GLN A 267 29.40 -14.84 -11.29
CA GLN A 267 29.95 -13.49 -11.25
C GLN A 267 31.18 -13.33 -12.14
N ASN A 268 32.04 -14.33 -12.17
CA ASN A 268 33.18 -14.31 -13.08
C ASN A 268 32.72 -14.26 -14.53
N TYR A 269 31.65 -14.98 -14.86
CA TYR A 269 31.09 -14.89 -16.20
C TYR A 269 30.63 -13.47 -16.52
N LEU A 270 29.91 -12.85 -15.59
CA LEU A 270 29.39 -11.49 -15.80
C LEU A 270 30.51 -10.50 -16.06
N ARG A 271 31.63 -10.67 -15.37
CA ARG A 271 32.70 -9.69 -15.41
C ARG A 271 33.43 -9.65 -16.75
N SER A 272 33.30 -10.69 -17.55
CA SER A 272 33.91 -10.67 -18.88
C SER A 272 32.87 -10.78 -19.98
N TRP A 273 31.61 -10.59 -19.62
CA TRP A 273 30.49 -10.65 -20.58
C TRP A 273 30.28 -9.29 -21.23
N ASP A 274 30.62 -9.17 -22.51
CA ASP A 274 30.57 -7.87 -23.18
C ASP A 274 29.14 -7.34 -23.31
N GLU A 275 28.15 -8.24 -23.28
CA GLU A 275 26.76 -7.83 -23.35
C GLU A 275 26.31 -6.97 -22.15
N VAL A 276 27.03 -7.06 -21.03
CA VAL A 276 26.64 -6.27 -19.85
C VAL A 276 27.78 -5.37 -19.39
N LYS A 277 28.68 -5.05 -20.32
CA LYS A 277 29.80 -4.16 -20.04
C LYS A 277 29.30 -2.82 -19.51
N GLY A 278 29.86 -2.39 -18.38
CA GLY A 278 29.47 -1.12 -17.80
C GLY A 278 28.17 -1.13 -17.00
N GLN A 279 27.51 -2.29 -16.95
CA GLN A 279 26.29 -2.40 -16.14
C GLN A 279 26.56 -3.15 -14.84
N ASP A 280 27.70 -2.86 -14.22
CA ASP A 280 28.19 -3.64 -13.09
C ASP A 280 27.59 -3.24 -11.73
N LYS A 281 26.73 -2.22 -11.73
CA LYS A 281 26.19 -1.68 -10.48
C LYS A 281 24.71 -2.01 -10.31
N LYS A 282 24.31 -3.13 -10.90
CA LYS A 282 22.93 -3.63 -10.78
C LYS A 282 22.96 -5.02 -10.16
N PRO A 283 21.86 -5.42 -9.51
CA PRO A 283 21.74 -6.79 -9.01
C PRO A 283 21.57 -7.76 -10.17
N TYR A 284 22.33 -8.85 -10.17
CA TYR A 284 22.20 -9.87 -11.20
C TYR A 284 21.79 -11.20 -10.59
N ILE A 285 20.76 -11.83 -11.14
CA ILE A 285 20.36 -13.14 -10.64
C ILE A 285 20.35 -14.18 -11.74
N LEU A 286 21.07 -15.28 -11.52
CA LEU A 286 21.10 -16.40 -12.46
C LEU A 286 19.91 -17.33 -12.25
N LEU A 287 19.22 -17.66 -13.34
CA LEU A 287 18.00 -18.46 -13.24
C LEU A 287 18.11 -19.81 -13.95
N ARG A 288 17.71 -20.86 -13.24
CA ARG A 288 17.60 -22.20 -13.82
C ARG A 288 16.32 -22.84 -13.32
N ASP A 289 15.86 -23.87 -14.03
CA ASP A 289 14.66 -24.55 -13.56
C ASP A 289 14.96 -25.42 -12.35
N GLY A 290 16.17 -25.97 -12.32
CA GLY A 290 16.56 -26.91 -11.27
C GLY A 290 17.06 -26.27 -9.99
N THR A 291 17.90 -26.99 -9.28
CA THR A 291 18.39 -26.55 -7.98
C THR A 291 19.89 -26.75 -7.88
N TRP A 292 20.44 -26.45 -6.70
CA TRP A 292 21.86 -26.67 -6.44
C TRP A 292 22.04 -27.63 -5.27
N ASP A 293 23.27 -28.10 -5.09
CA ASP A 293 23.62 -28.97 -3.97
C ASP A 293 22.68 -30.17 -3.86
N SER A 294 22.58 -30.93 -4.95
CA SER A 294 21.77 -32.14 -4.98
C SER A 294 20.35 -31.94 -4.44
N GLY A 295 19.70 -30.87 -4.86
CA GLY A 295 18.31 -30.61 -4.49
C GLY A 295 18.10 -29.86 -3.18
N LYS A 296 19.17 -29.61 -2.44
CA LYS A 296 19.02 -29.00 -1.12
C LYS A 296 19.00 -27.46 -1.16
N THR A 297 19.50 -26.87 -2.24
CA THR A 297 19.54 -25.41 -2.33
C THR A 297 18.67 -24.86 -3.46
N PHE A 298 17.77 -23.93 -3.12
CA PHE A 298 16.84 -23.39 -4.10
C PHE A 298 17.29 -22.04 -4.63
N GLY A 299 18.11 -21.36 -3.85
CA GLY A 299 18.59 -20.04 -4.19
C GLY A 299 19.74 -19.67 -3.27
N TYR A 300 20.53 -18.68 -3.66
CA TYR A 300 21.67 -18.26 -2.86
C TYR A 300 22.06 -16.84 -3.21
N ALA A 301 22.16 -15.99 -2.19
CA ALA A 301 22.45 -14.58 -2.38
C ALA A 301 23.88 -14.25 -1.96
N SER A 302 24.51 -13.32 -2.66
CA SER A 302 25.91 -12.97 -2.41
C SER A 302 26.11 -12.34 -1.04
N GLY A 303 25.07 -11.71 -0.50
CA GLY A 303 25.13 -11.11 0.82
C GLY A 303 23.78 -10.60 1.28
N ILE A 304 23.71 -10.20 2.54
CA ILE A 304 22.50 -9.61 3.07
C ILE A 304 22.64 -8.10 3.15
N GLY A 305 21.73 -7.37 2.52
CA GLY A 305 21.74 -5.92 2.63
C GLY A 305 22.88 -5.29 1.83
N VAL A 306 22.93 -5.62 0.56
CA VAL A 306 24.02 -5.16 -0.30
C VAL A 306 23.51 -4.28 -1.44
N ILE A 307 22.19 -4.08 -1.50
CA ILE A 307 21.63 -3.19 -2.53
C ILE A 307 21.44 -1.78 -1.98
N HIS A 308 22.18 -0.82 -2.53
CA HIS A 308 22.07 0.57 -2.09
C HIS A 308 21.74 1.48 -3.28
N LEU A 309 20.67 2.25 -3.16
CA LEU A 309 20.19 3.08 -4.28
C LEU A 309 21.08 4.28 -4.57
N ASN A 310 21.66 4.86 -3.52
CA ASN A 310 22.44 6.08 -3.67
C ASN A 310 23.90 5.80 -3.97
N ASN A 311 24.46 4.78 -3.33
CA ASN A 311 25.82 4.37 -3.63
C ASN A 311 25.91 2.87 -3.89
N PRO A 312 25.44 2.45 -5.08
CA PRO A 312 25.41 1.03 -5.41
C PRO A 312 26.80 0.43 -5.48
N ARG A 313 26.93 -0.80 -5.00
CA ARG A 313 28.14 -1.59 -5.19
C ARG A 313 28.38 -1.88 -6.67
N GLY A 314 29.64 -2.02 -7.05
CA GLY A 314 29.99 -2.26 -8.45
C GLY A 314 30.62 -3.62 -8.69
N ASN A 315 31.17 -3.81 -9.89
CA ASN A 315 31.87 -5.04 -10.27
C ASN A 315 31.04 -6.30 -10.05
N PHE A 316 29.74 -6.20 -10.31
CA PHE A 316 28.84 -7.35 -10.25
C PHE A 316 28.89 -8.06 -8.88
N GLU A 317 29.16 -7.30 -7.83
CA GLU A 317 29.24 -7.87 -6.48
C GLU A 317 27.88 -8.20 -5.91
N VAL A 318 26.84 -7.57 -6.44
CA VAL A 318 25.48 -7.86 -5.99
C VAL A 318 24.85 -8.87 -6.92
N ALA A 319 24.75 -10.12 -6.47
CA ALA A 319 24.27 -11.19 -7.32
C ALA A 319 23.64 -12.29 -6.51
N ALA A 320 22.87 -13.11 -7.20
CA ALA A 320 22.27 -14.29 -6.59
C ALA A 320 22.06 -15.34 -7.65
N ILE A 321 21.73 -16.54 -7.22
CA ILE A 321 21.25 -17.57 -8.12
C ILE A 321 19.90 -18.02 -7.58
N SER A 322 19.00 -18.42 -8.47
CA SER A 322 17.66 -18.80 -8.04
C SER A 322 17.03 -19.80 -8.97
N THR A 323 16.32 -20.77 -8.40
CA THR A 323 15.45 -21.64 -9.18
C THR A 323 14.26 -20.83 -9.68
N THR A 324 13.63 -21.29 -10.76
CA THR A 324 12.38 -20.66 -11.21
C THR A 324 11.22 -21.64 -11.14
N SER A 325 11.51 -22.85 -10.65
CA SER A 325 10.51 -23.92 -10.59
C SER A 325 9.23 -23.49 -9.89
N SER A 326 8.09 -23.88 -10.47
CA SER A 326 6.77 -23.66 -9.90
C SER A 326 6.62 -24.23 -8.49
N SER A 327 7.40 -25.25 -8.18
CA SER A 327 7.43 -25.85 -6.85
C SER A 327 8.03 -24.92 -5.83
N HIS A 328 8.77 -23.93 -6.31
CA HIS A 328 9.41 -22.94 -5.42
C HIS A 328 9.10 -21.52 -5.88
N PRO A 329 7.82 -21.14 -5.80
CA PRO A 329 7.33 -19.93 -6.49
C PRO A 329 7.84 -18.60 -5.94
N TYR A 330 8.40 -18.55 -4.74
CA TYR A 330 8.76 -17.27 -4.15
C TYR A 330 10.26 -17.15 -3.90
N THR A 331 11.03 -18.06 -4.49
CA THR A 331 12.46 -18.16 -4.20
C THR A 331 13.22 -16.94 -4.69
N LEU A 332 12.84 -16.44 -5.86
CA LEU A 332 13.47 -15.23 -6.36
C LEU A 332 13.20 -14.06 -5.42
N ALA A 333 11.95 -13.91 -5.00
CA ALA A 333 11.59 -12.82 -4.10
C ALA A 333 12.32 -12.94 -2.77
N HIS A 334 12.48 -14.17 -2.29
CA HIS A 334 13.18 -14.46 -1.04
C HIS A 334 14.66 -14.04 -1.13
N GLU A 335 15.34 -14.47 -2.18
CA GLU A 335 16.74 -14.11 -2.39
C GLU A 335 16.90 -12.60 -2.49
N ILE A 336 16.03 -11.96 -3.27
CA ILE A 336 16.10 -10.51 -3.42
C ILE A 336 15.81 -9.84 -2.08
N GLY A 337 14.95 -10.46 -1.28
CA GLY A 337 14.74 -10.04 0.10
C GLY A 337 16.05 -9.93 0.86
N HIS A 338 16.85 -10.99 0.79
CA HIS A 338 18.16 -10.99 1.43
C HIS A 338 19.04 -9.86 0.87
N LEU A 339 19.07 -9.69 -0.45
CA LEU A 339 19.93 -8.68 -1.07
C LEU A 339 19.55 -7.27 -0.60
N LEU A 340 18.27 -7.07 -0.29
CA LEU A 340 17.78 -5.78 0.19
C LEU A 340 17.93 -5.60 1.71
N GLY A 341 18.33 -6.66 2.40
CA GLY A 341 18.58 -6.56 3.83
C GLY A 341 17.70 -7.41 4.75
N ALA A 342 16.70 -8.08 4.18
CA ALA A 342 15.82 -8.89 5.01
C ALA A 342 16.52 -10.14 5.54
N GLU A 343 16.19 -10.50 6.77
CA GLU A 343 16.75 -11.69 7.41
C GLU A 343 15.67 -12.74 7.63
N HIS A 344 16.08 -13.97 7.94
CA HIS A 344 15.12 -15.02 8.20
C HIS A 344 14.30 -14.68 9.45
N VAL A 345 13.04 -15.09 9.48
CA VAL A 345 12.17 -14.85 10.63
C VAL A 345 11.39 -16.13 10.98
N ASP A 346 10.72 -16.13 12.14
CA ASP A 346 10.05 -17.35 12.62
C ASP A 346 8.56 -17.35 12.29
N ASN A 347 8.13 -16.45 11.42
CA ASN A 347 6.73 -16.41 11.00
C ASN A 347 6.55 -17.20 9.71
N GLU A 348 5.79 -18.29 9.76
CA GLU A 348 5.69 -19.21 8.62
C GLU A 348 4.95 -18.61 7.42
N GLN A 349 4.24 -17.51 7.64
CA GLN A 349 3.53 -16.85 6.53
C GLN A 349 4.45 -15.85 5.84
N ASP A 350 5.54 -15.51 6.51
CA ASP A 350 6.46 -14.53 5.98
C ASP A 350 7.31 -15.10 4.84
N LEU A 351 7.50 -14.29 3.81
CA LEU A 351 8.39 -14.62 2.71
C LEU A 351 9.77 -15.08 3.20
N MET A 352 10.24 -14.46 4.28
CA MET A 352 11.58 -14.71 4.79
C MET A 352 11.60 -15.77 5.90
N TYR A 353 10.58 -16.63 5.93
CA TYR A 353 10.55 -17.74 6.88
C TYR A 353 11.82 -18.59 6.77
N THR A 354 12.38 -18.91 7.94
CA THR A 354 13.68 -19.58 8.06
C THR A 354 13.69 -20.99 7.50
N TRP A 355 12.52 -21.61 7.43
CA TRP A 355 12.41 -23.00 7.00
C TRP A 355 11.48 -23.10 5.81
N TYR A 356 11.64 -24.16 5.03
CA TYR A 356 10.81 -24.38 3.84
C TYR A 356 9.42 -24.87 4.23
N SER A 357 8.39 -24.06 3.96
CA SER A 357 7.02 -24.39 4.35
C SER A 357 6.06 -23.95 3.25
N PRO A 358 4.93 -24.65 3.10
CA PRO A 358 3.92 -24.31 2.09
C PRO A 358 3.00 -23.17 2.51
N GLN A 359 3.20 -22.66 3.72
CA GLN A 359 2.37 -21.58 4.24
C GLN A 359 2.93 -20.21 3.86
N VAL A 360 4.16 -20.22 3.34
CA VAL A 360 4.85 -18.97 3.00
C VAL A 360 4.07 -18.16 1.97
N THR A 361 3.97 -16.86 2.20
CA THR A 361 3.34 -15.94 1.26
C THR A 361 4.41 -14.99 0.76
N PRO A 362 4.22 -14.39 -0.43
CA PRO A 362 5.26 -13.49 -0.95
C PRO A 362 5.19 -12.09 -0.35
N ASN A 363 5.12 -12.03 0.98
CA ASN A 363 4.97 -10.77 1.70
C ASN A 363 5.99 -10.65 2.81
N HIS A 364 6.59 -9.46 2.93
CA HIS A 364 7.40 -9.14 4.11
C HIS A 364 6.47 -8.68 5.23
N LEU A 365 6.31 -9.53 6.23
CA LEU A 365 5.39 -9.24 7.32
C LEU A 365 6.15 -8.78 8.57
N SER A 366 7.47 -8.85 8.50
CA SER A 366 8.29 -8.46 9.63
C SER A 366 8.63 -6.96 9.59
N ALA A 367 8.18 -6.23 10.62
CA ALA A 367 8.49 -4.81 10.71
C ALA A 367 10.00 -4.59 10.74
N ASP A 368 10.71 -5.48 11.42
CA ASP A 368 12.17 -5.38 11.49
C ASP A 368 12.85 -5.56 10.14
N ASN A 369 12.32 -6.45 9.31
CA ASN A 369 12.85 -6.59 7.96
C ASN A 369 12.57 -5.33 7.13
N TRP A 370 11.40 -4.71 7.32
CA TRP A 370 11.12 -3.43 6.67
C TRP A 370 12.16 -2.38 7.06
N VAL A 371 12.45 -2.31 8.36
CA VAL A 371 13.45 -1.37 8.84
C VAL A 371 14.79 -1.66 8.18
N ARG A 372 15.18 -2.93 8.19
CA ARG A 372 16.45 -3.35 7.60
C ARG A 372 16.53 -2.98 6.12
N MET A 373 15.43 -3.18 5.40
CA MET A 373 15.39 -2.90 3.97
C MET A 373 15.38 -1.40 3.68
N LEU A 374 14.63 -0.65 4.46
CA LEU A 374 14.60 0.81 4.28
C LEU A 374 15.97 1.43 4.56
N GLU A 375 16.64 0.95 5.60
CA GLU A 375 17.96 1.51 5.91
C GLU A 375 19.00 1.10 4.88
N CYS A 376 18.88 -0.11 4.37
CA CYS A 376 19.83 -0.61 3.38
C CYS A 376 19.80 0.15 2.05
N ILE A 377 18.62 0.38 1.50
CA ILE A 377 18.51 0.98 0.17
C ILE A 377 18.88 2.47 0.16
N GLN A 378 18.79 3.13 1.31
CA GLN A 378 19.11 4.55 1.41
C GLN A 378 20.60 4.82 1.33
N LYS A 379 21.40 3.86 1.76
CA LYS A 379 22.86 4.00 1.72
C LYS A 379 23.40 4.24 0.31
N PRO B 15 -18.03 3.05 -21.08
CA PRO B 15 -18.64 3.71 -19.93
C PRO B 15 -18.34 3.01 -18.61
N GLN B 16 -19.33 2.29 -18.08
CA GLN B 16 -19.22 1.52 -16.83
C GLN B 16 -19.26 2.44 -15.61
N LEU B 17 -19.91 3.58 -15.83
CA LEU B 17 -20.23 4.52 -14.76
C LEU B 17 -21.29 3.89 -13.86
N GLU B 18 -21.23 4.17 -12.57
CA GLU B 18 -22.27 3.70 -11.66
C GLU B 18 -23.08 4.85 -11.06
N HIS B 19 -22.52 6.06 -11.07
CA HIS B 19 -23.23 7.18 -10.47
C HIS B 19 -22.95 8.48 -11.21
N VAL B 20 -23.90 9.40 -11.12
CA VAL B 20 -23.67 10.78 -11.52
C VAL B 20 -23.91 11.69 -10.33
N LEU B 21 -23.20 12.82 -10.29
CA LEU B 21 -23.31 13.72 -9.17
C LEU B 21 -22.96 15.14 -9.61
N ASN B 22 -23.91 16.04 -9.46
CA ASN B 22 -23.68 17.45 -9.73
C ASN B 22 -23.27 18.11 -8.44
N LEU B 23 -21.99 18.45 -8.35
CA LEU B 23 -21.41 19.01 -7.13
C LEU B 23 -21.99 20.36 -6.72
N ARG B 24 -22.47 21.14 -7.68
CA ARG B 24 -23.05 22.45 -7.36
C ARG B 24 -24.43 22.35 -6.72
N SER B 25 -25.23 21.41 -7.17
CA SER B 25 -26.62 21.35 -6.75
C SER B 25 -26.89 20.26 -5.72
N MET B 26 -25.88 19.46 -5.41
CA MET B 26 -26.10 18.30 -4.54
C MET B 26 -26.41 18.72 -3.11
N ASP B 27 -27.26 17.96 -2.43
CA ASP B 27 -27.39 18.09 -0.99
C ASP B 27 -27.05 16.76 -0.33
N TYR B 28 -27.29 16.65 0.98
CA TYR B 28 -26.90 15.46 1.73
C TYR B 28 -27.47 14.21 1.09
N GLU B 29 -28.76 14.23 0.75
CA GLU B 29 -29.41 13.05 0.23
C GLU B 29 -28.77 12.61 -1.08
N ASP B 30 -28.31 13.58 -1.88
CA ASP B 30 -27.59 13.23 -3.10
C ASP B 30 -26.28 12.53 -2.80
N LEU B 31 -25.45 13.17 -1.97
CA LEU B 31 -24.14 12.65 -1.70
C LEU B 31 -24.25 11.35 -0.91
N ALA B 32 -25.11 11.32 0.10
CA ALA B 32 -25.28 10.10 0.88
C ALA B 32 -25.85 8.98 0.03
N GLY B 33 -26.70 9.34 -0.94
CA GLY B 33 -27.26 8.38 -1.86
C GLY B 33 -26.20 7.65 -2.65
N VAL B 34 -25.14 8.35 -3.04
CA VAL B 34 -24.02 7.71 -3.72
C VAL B 34 -23.12 6.92 -2.75
N LEU B 35 -22.65 7.59 -1.72
CA LEU B 35 -21.68 6.99 -0.80
C LEU B 35 -22.20 5.75 -0.10
N SER B 36 -23.48 5.73 0.24
CA SER B 36 -24.05 4.58 0.95
C SER B 36 -24.10 3.31 0.11
N LYS B 37 -23.89 3.44 -1.19
CA LYS B 37 -23.93 2.28 -2.07
C LYS B 37 -22.55 1.69 -2.35
N ILE B 38 -21.51 2.33 -1.79
CA ILE B 38 -20.13 1.92 -2.03
C ILE B 38 -19.60 1.13 -0.83
N SER B 39 -19.32 -0.15 -1.04
CA SER B 39 -18.91 -1.02 0.08
C SER B 39 -17.59 -1.78 -0.15
N ASN B 40 -17.60 -2.77 -1.02
CA ASN B 40 -16.43 -3.62 -1.20
C ASN B 40 -15.69 -3.32 -2.50
N THR B 41 -16.45 -3.01 -3.55
CA THR B 41 -15.87 -2.78 -4.86
C THR B 41 -15.65 -1.31 -5.14
N GLU B 42 -14.78 -1.04 -6.10
CA GLU B 42 -14.55 0.29 -6.63
C GLU B 42 -15.75 0.75 -7.45
N HIS B 43 -16.21 1.98 -7.22
CA HIS B 43 -17.30 2.57 -7.99
C HIS B 43 -16.81 3.75 -8.81
N THR B 44 -17.35 3.92 -10.00
CA THR B 44 -16.97 5.05 -10.83
C THR B 44 -18.11 6.07 -10.88
N ILE B 45 -17.78 7.32 -10.65
CA ILE B 45 -18.75 8.41 -10.56
C ILE B 45 -18.43 9.47 -11.59
N MET B 46 -19.44 9.94 -12.31
CA MET B 46 -19.28 11.11 -13.15
C MET B 46 -19.67 12.36 -12.37
N LEU B 47 -18.71 13.24 -12.14
CA LEU B 47 -18.93 14.46 -11.38
C LEU B 47 -19.11 15.63 -12.33
N GLN B 48 -19.93 16.60 -11.93
CA GLN B 48 -20.09 17.84 -12.68
C GLN B 48 -19.93 19.05 -11.79
N GLU B 49 -19.12 20.00 -12.24
CA GLU B 49 -19.07 21.33 -11.64
C GLU B 49 -19.08 22.36 -12.77
N GLY B 50 -20.19 23.06 -12.92
CA GLY B 50 -20.34 23.97 -14.04
C GLY B 50 -20.24 23.26 -15.39
N SER B 51 -19.34 23.74 -16.23
CA SER B 51 -19.18 23.17 -17.56
C SER B 51 -18.16 22.03 -17.56
N GLU B 52 -17.62 21.73 -16.39
CA GLU B 52 -16.66 20.64 -16.27
C GLU B 52 -17.30 19.36 -15.78
N LEU B 53 -17.13 18.31 -16.58
CA LEU B 53 -17.59 16.97 -16.21
C LEU B 53 -16.41 16.02 -16.34
N TRP B 54 -16.23 15.15 -15.34
CA TRP B 54 -15.14 14.19 -15.36
C TRP B 54 -15.49 12.98 -14.50
N THR B 55 -14.80 11.88 -14.72
CA THR B 55 -15.05 10.66 -13.98
C THR B 55 -13.99 10.45 -12.93
N THR B 56 -14.38 9.85 -11.82
CA THR B 56 -13.45 9.44 -10.79
C THR B 56 -13.90 8.10 -10.25
N SER B 57 -12.99 7.36 -9.63
CA SER B 57 -13.34 6.11 -8.99
C SER B 57 -13.05 6.24 -7.52
N ILE B 58 -13.90 5.64 -6.68
CA ILE B 58 -13.64 5.59 -5.25
C ILE B 58 -14.08 4.26 -4.68
N LYS B 59 -13.56 3.92 -3.52
CA LYS B 59 -14.03 2.76 -2.79
C LYS B 59 -13.94 3.03 -1.30
N ALA B 60 -14.66 2.23 -0.53
CA ALA B 60 -14.62 2.34 0.92
C ALA B 60 -13.23 1.98 1.45
N ILE B 61 -12.82 2.66 2.52
CA ILE B 61 -11.53 2.37 3.14
C ILE B 61 -11.70 1.31 4.22
N HIS B 62 -10.92 0.23 4.15
CA HIS B 62 -10.99 -0.82 5.16
C HIS B 62 -9.81 -0.73 6.13
N GLY B 63 -9.95 -1.34 7.30
CA GLY B 63 -8.90 -1.29 8.31
C GLY B 63 -9.09 -0.12 9.26
N VAL B 64 -10.17 0.65 9.06
CA VAL B 64 -10.44 1.81 9.90
C VAL B 64 -11.88 1.79 10.39
N GLU B 65 -12.07 2.18 11.65
CA GLU B 65 -13.40 2.28 12.24
C GLU B 65 -13.51 3.65 12.90
N ILE B 66 -14.62 4.34 12.66
CA ILE B 66 -14.86 5.63 13.31
C ILE B 66 -16.18 5.60 14.06
N GLU B 67 -16.14 5.96 15.33
CA GLU B 67 -17.35 6.04 16.13
C GLU B 67 -17.61 7.49 16.49
N GLU B 68 -18.77 7.98 16.06
CA GLU B 68 -19.17 9.37 16.25
C GLU B 68 -20.60 9.40 16.77
N SER B 69 -20.78 9.95 17.97
CA SER B 69 -22.07 9.90 18.66
C SER B 69 -22.61 8.47 18.70
N ASN B 70 -21.71 7.53 19.02
CA ASN B 70 -22.02 6.09 19.01
C ASN B 70 -22.60 5.58 17.70
N ARG B 71 -22.19 6.21 16.60
CA ARG B 71 -22.60 5.81 15.25
C ARG B 71 -21.38 5.70 14.35
N PRO B 72 -21.40 4.72 13.42
CA PRO B 72 -20.25 4.57 12.53
C PRO B 72 -20.16 5.70 11.52
N VAL B 73 -18.93 6.08 11.17
CA VAL B 73 -18.67 6.99 10.08
C VAL B 73 -17.75 6.28 9.09
N TYR B 74 -18.01 6.45 7.80
CA TYR B 74 -17.27 5.71 6.78
C TYR B 74 -16.39 6.62 5.93
N LEU B 75 -15.21 6.11 5.58
CA LEU B 75 -14.26 6.83 4.75
C LEU B 75 -14.19 6.19 3.36
N PHE B 76 -13.89 7.01 2.36
CA PHE B 76 -13.77 6.56 0.98
C PHE B 76 -12.56 7.24 0.37
N GLU B 77 -11.94 6.62 -0.63
CA GLU B 77 -10.80 7.23 -1.28
C GLU B 77 -10.68 6.88 -2.76
N GLY B 78 -10.08 7.79 -3.51
CA GLY B 78 -9.79 7.57 -4.91
C GLY B 78 -8.76 6.49 -5.11
N GLN B 79 -8.91 5.75 -6.19
CA GLN B 79 -8.06 4.61 -6.44
C GLN B 79 -6.70 4.95 -7.05
N ASP B 80 -6.68 5.77 -8.09
CA ASP B 80 -5.45 5.99 -8.83
C ASP B 80 -5.44 7.31 -9.60
N LYS B 81 -4.50 8.18 -9.22
CA LYS B 81 -4.32 9.51 -9.79
C LYS B 81 -5.48 10.44 -9.42
N ASP B 82 -6.56 9.82 -8.95
CA ASP B 82 -7.80 10.49 -8.62
C ASP B 82 -7.64 11.55 -7.54
N SER B 83 -6.98 11.17 -6.45
CA SER B 83 -6.78 12.05 -5.31
C SER B 83 -8.11 12.65 -4.85
N ILE B 84 -9.07 11.78 -4.54
CA ILE B 84 -10.35 12.21 -3.99
C ILE B 84 -10.61 11.45 -2.69
N ASN B 85 -11.23 12.12 -1.74
CA ASN B 85 -11.67 11.49 -0.49
C ASN B 85 -13.11 11.83 -0.23
N ALA B 86 -13.80 10.98 0.52
CA ALA B 86 -15.16 11.29 0.92
C ALA B 86 -15.42 10.73 2.29
N ILE B 87 -16.41 11.31 2.96
CA ILE B 87 -16.83 10.89 4.29
C ILE B 87 -18.33 10.75 4.32
N LEU B 88 -18.82 9.64 4.89
CA LEU B 88 -20.24 9.47 5.07
C LEU B 88 -20.60 9.31 6.54
N SER B 89 -21.29 10.31 7.06
CA SER B 89 -21.84 10.22 8.41
C SER B 89 -23.35 10.26 8.28
N GLN B 90 -24.05 9.86 9.34
CA GLN B 90 -25.51 9.92 9.31
C GLN B 90 -26.00 11.37 9.39
N SER B 91 -25.11 12.30 9.78
CA SER B 91 -25.49 13.69 9.97
C SER B 91 -24.95 14.63 8.88
N TYR B 92 -23.94 14.18 8.15
CA TYR B 92 -23.31 15.02 7.15
C TYR B 92 -22.52 14.14 6.21
N ALA B 93 -22.07 14.73 5.11
CA ALA B 93 -21.18 14.03 4.21
C ALA B 93 -20.27 15.05 3.55
N THR B 94 -19.10 14.59 3.14
CA THR B 94 -18.15 15.49 2.49
C THR B 94 -17.47 14.81 1.33
N ILE B 95 -16.97 15.62 0.41
CA ILE B 95 -16.06 15.18 -0.64
C ILE B 95 -14.90 16.14 -0.65
N ARG B 96 -13.68 15.59 -0.68
CA ARG B 96 -12.50 16.42 -0.82
C ARG B 96 -11.74 16.02 -2.08
N LEU B 97 -11.46 17.00 -2.94
CA LEU B 97 -10.69 16.72 -4.14
C LEU B 97 -9.95 17.94 -4.69
N GLN B 98 -9.16 17.69 -5.75
CA GLN B 98 -8.37 18.74 -6.39
C GLN B 98 -9.13 19.42 -7.51
N ARG B 99 -9.19 20.74 -7.49
CA ARG B 99 -9.76 21.51 -8.59
C ARG B 99 -8.81 22.64 -8.97
N GLY B 100 -8.30 22.61 -10.20
CA GLY B 100 -7.41 23.64 -10.70
C GLY B 100 -6.17 23.79 -9.83
N GLY B 101 -5.70 22.68 -9.30
CA GLY B 101 -4.54 22.70 -8.43
C GLY B 101 -4.88 22.98 -6.96
N ASP B 102 -6.11 23.40 -6.71
CA ASP B 102 -6.53 23.69 -5.35
C ASP B 102 -7.26 22.52 -4.68
N LEU B 103 -6.99 22.32 -3.40
CA LEU B 103 -7.70 21.33 -2.61
C LEU B 103 -9.06 21.87 -2.18
N ILE B 104 -10.12 21.19 -2.59
CA ILE B 104 -11.49 21.69 -2.38
C ILE B 104 -12.31 20.77 -1.48
N ASP B 105 -12.96 21.34 -0.48
CA ASP B 105 -13.88 20.62 0.40
C ASP B 105 -15.33 20.91 0.03
N TYR B 106 -16.11 19.86 -0.21
CA TYR B 106 -17.56 19.99 -0.39
C TYR B 106 -18.28 19.41 0.82
N ILE B 107 -19.11 20.22 1.47
CA ILE B 107 -19.70 19.84 2.75
C ILE B 107 -21.22 19.89 2.68
N VAL B 108 -21.88 18.80 3.06
CA VAL B 108 -23.34 18.78 3.12
C VAL B 108 -23.82 18.22 4.45
N TYR B 109 -24.70 18.95 5.12
CA TYR B 109 -25.31 18.45 6.35
C TYR B 109 -26.76 18.03 6.11
N LYS B 110 -27.15 16.94 6.75
CA LYS B 110 -28.52 16.42 6.59
C LYS B 110 -29.52 17.39 7.19
N ASP B 111 -29.20 17.91 8.37
CA ASP B 111 -30.11 18.81 9.07
C ASP B 111 -29.98 20.24 8.55
N LYS B 112 -31.10 20.78 8.08
CA LYS B 112 -31.12 22.11 7.48
C LYS B 112 -30.65 23.22 8.44
N GLU B 113 -31.07 23.13 9.70
CA GLU B 113 -30.67 24.13 10.70
C GLU B 113 -29.16 24.13 10.91
N ARG B 114 -28.62 22.93 11.11
CA ARG B 114 -27.19 22.75 11.33
C ARG B 114 -26.39 23.25 10.13
N MET B 115 -26.87 22.93 8.93
CA MET B 115 -26.22 23.40 7.71
C MET B 115 -26.10 24.92 7.70
N ALA B 116 -27.14 25.59 8.17
CA ALA B 116 -27.14 27.05 8.21
C ALA B 116 -26.10 27.56 9.19
N GLU B 117 -25.97 26.88 10.32
CA GLU B 117 -24.97 27.22 11.34
C GLU B 117 -23.55 27.02 10.80
N ILE B 118 -23.36 25.93 10.06
CA ILE B 118 -22.06 25.61 9.46
C ILE B 118 -21.68 26.68 8.45
N ALA B 119 -22.66 27.09 7.64
CA ALA B 119 -22.44 28.12 6.63
C ALA B 119 -22.12 29.46 7.29
N ASN B 120 -22.80 29.75 8.39
CA ASN B 120 -22.54 30.97 9.12
C ASN B 120 -21.11 30.97 9.67
N TYR B 121 -20.66 29.83 10.17
CA TYR B 121 -19.28 29.69 10.63
C TYR B 121 -18.29 30.08 9.53
N TYR B 122 -18.46 29.49 8.35
CA TYR B 122 -17.50 29.71 7.28
C TYR B 122 -17.55 31.14 6.73
N GLN B 123 -18.73 31.75 6.74
CA GLN B 123 -18.86 33.13 6.30
C GLN B 123 -18.22 34.12 7.26
N ASN B 124 -18.43 33.92 8.57
CA ASN B 124 -17.84 34.79 9.59
C ASN B 124 -16.35 34.54 9.87
N HIS B 125 -15.85 33.37 9.49
CA HIS B 125 -14.45 33.01 9.74
C HIS B 125 -13.55 33.19 8.50
N TYR B 126 -14.16 33.37 7.33
CA TYR B 126 -13.39 33.54 6.11
C TYR B 126 -13.84 34.76 5.31
N ASP B 135 -10.78 34.31 -5.84
CA ASP B 135 -11.30 35.06 -4.69
C ASP B 135 -12.30 34.23 -3.90
N LYS B 136 -12.90 33.23 -4.55
CA LYS B 136 -13.95 32.43 -3.91
C LYS B 136 -13.38 31.38 -2.96
N ILE B 137 -13.02 31.80 -1.75
CA ILE B 137 -12.64 30.84 -0.71
C ILE B 137 -13.83 30.02 -0.23
N VAL B 138 -14.94 30.70 0.08
CA VAL B 138 -16.15 30.03 0.55
C VAL B 138 -17.30 30.26 -0.42
N VAL B 139 -17.86 29.19 -0.94
CA VAL B 139 -19.05 29.26 -1.80
C VAL B 139 -20.20 28.49 -1.17
N CYS B 140 -21.34 29.15 -1.00
CA CYS B 140 -22.55 28.48 -0.50
C CYS B 140 -23.57 28.36 -1.62
N ASN B 141 -23.91 27.12 -1.96
CA ASN B 141 -24.92 26.88 -2.99
C ASN B 141 -26.30 26.70 -2.39
N THR B 142 -27.23 27.54 -2.82
CA THR B 142 -28.59 27.52 -2.26
C THR B 142 -29.61 27.20 -3.34
N GLY B 143 -30.84 26.92 -2.90
CA GLY B 143 -31.93 26.70 -3.83
C GLY B 143 -32.65 28.00 -4.14
N ASP B 152 -32.22 28.59 1.69
CA ASP B 152 -32.09 27.15 1.86
C ASP B 152 -30.77 26.65 1.26
N ILE B 153 -29.78 26.47 2.13
CA ILE B 153 -28.43 26.09 1.70
C ILE B 153 -28.30 24.59 1.50
N LYS B 154 -27.85 24.22 0.29
CA LYS B 154 -27.68 22.81 -0.09
C LYS B 154 -26.29 22.28 0.25
N ASN B 155 -25.25 23.02 -0.16
CA ASN B 155 -23.88 22.63 0.14
C ASN B 155 -22.93 23.81 0.29
N ILE B 156 -21.75 23.52 0.81
CA ILE B 156 -20.70 24.51 0.98
C ILE B 156 -19.44 24.02 0.30
N ARG B 157 -18.81 24.92 -0.44
CA ARG B 157 -17.57 24.59 -1.15
C ARG B 157 -16.43 25.42 -0.60
N ILE B 158 -15.44 24.76 -0.01
CA ILE B 158 -14.32 25.47 0.60
C ILE B 158 -13.02 25.23 -0.15
N ASP B 159 -12.36 26.32 -0.54
CA ASP B 159 -11.03 26.18 -1.11
C ASP B 159 -9.98 26.22 0.01
N ILE B 160 -9.53 25.04 0.42
CA ILE B 160 -8.57 24.88 1.52
C ILE B 160 -7.23 25.50 1.18
N THR B 161 -6.78 25.27 -0.05
CA THR B 161 -5.53 25.83 -0.52
C THR B 161 -5.52 27.34 -0.37
N LYS B 162 -6.63 27.97 -0.77
CA LYS B 162 -6.81 29.41 -0.60
C LYS B 162 -6.81 29.82 0.87
N ALA B 163 -7.57 29.08 1.69
CA ALA B 163 -7.64 29.37 3.11
C ALA B 163 -6.27 29.33 3.77
N ILE B 164 -5.47 28.33 3.41
CA ILE B 164 -4.11 28.24 3.95
C ILE B 164 -3.27 29.41 3.47
N GLY B 165 -3.36 29.72 2.18
CA GLY B 165 -2.59 30.83 1.61
C GLY B 165 -2.99 32.18 2.16
N ASN B 166 -4.21 32.27 2.68
CA ASN B 166 -4.75 33.51 3.23
C ASN B 166 -4.50 33.62 4.73
N ASN B 167 -3.92 32.56 5.31
CA ASN B 167 -3.67 32.57 6.74
C ASN B 167 -2.50 33.48 7.07
N PRO B 168 -2.62 34.23 8.18
CA PRO B 168 -1.59 35.17 8.63
C PRO B 168 -0.40 34.51 9.31
N PHE B 169 -0.54 33.25 9.69
CA PHE B 169 0.57 32.51 10.28
C PHE B 169 1.21 31.58 9.25
N LYS B 170 0.87 31.80 7.99
CA LYS B 170 1.44 31.04 6.88
C LYS B 170 2.95 31.23 6.77
N GLY B 171 3.69 30.12 6.79
CA GLY B 171 5.14 30.18 6.70
C GLY B 171 5.86 30.02 8.03
N LEU B 172 5.11 30.09 9.13
CA LEU B 172 5.72 30.02 10.46
C LEU B 172 6.11 28.59 10.85
N PRO B 173 7.25 28.46 11.57
CA PRO B 173 7.81 27.15 11.93
C PRO B 173 7.00 26.44 13.01
N ILE B 174 6.76 25.16 12.78
CA ILE B 174 5.98 24.33 13.69
C ILE B 174 6.85 23.92 14.89
N LYS B 175 6.32 24.13 16.09
CA LYS B 175 7.07 23.96 17.33
C LYS B 175 6.23 23.17 18.35
N ASP B 176 6.02 21.89 18.09
CA ASP B 176 4.84 21.20 18.63
C ASP B 176 5.11 19.93 19.43
N TYR B 177 6.23 19.90 20.14
CA TYR B 177 6.56 18.82 21.07
C TYR B 177 7.63 19.30 22.04
N PRO B 178 7.75 18.68 23.21
CA PRO B 178 8.75 19.18 24.15
C PRO B 178 10.18 18.81 23.76
N THR B 179 11.16 19.57 24.24
CA THR B 179 12.55 19.28 23.95
C THR B 179 13.11 18.21 24.89
N GLU B 180 13.55 17.09 24.30
CA GLU B 180 14.24 16.01 25.00
C GLU B 180 13.62 15.65 26.35
N ALA B 197 5.15 -4.67 14.85
CA ALA B 197 4.69 -6.04 15.01
C ALA B 197 3.36 -6.24 14.28
N THR B 198 3.24 -7.37 13.57
CA THR B 198 2.04 -7.67 12.78
C THR B 198 1.09 -8.52 13.62
N TYR B 199 -0.20 -8.21 13.58
CA TYR B 199 -1.22 -9.11 14.14
C TYR B 199 -2.56 -9.22 13.35
N PRO B 200 -3.19 -8.11 12.95
CA PRO B 200 -2.92 -6.67 13.08
C PRO B 200 -3.38 -6.11 14.42
N ALA B 201 -2.49 -5.41 15.09
CA ALA B 201 -2.83 -4.76 16.35
C ALA B 201 -3.80 -3.61 16.14
N THR B 202 -4.77 -3.48 17.04
CA THR B 202 -5.70 -2.35 16.99
C THR B 202 -5.11 -1.13 17.67
N LEU B 203 -4.97 -0.05 16.92
CA LEU B 203 -4.57 1.22 17.49
C LEU B 203 -5.81 2.10 17.63
N GLU B 204 -6.20 2.39 18.86
CA GLU B 204 -7.40 3.21 19.07
C GLU B 204 -7.06 4.61 19.53
N PHE B 205 -7.44 5.60 18.72
CA PHE B 205 -7.29 6.99 19.12
C PHE B 205 -8.55 7.48 19.80
N MET B 206 -8.39 8.04 21.00
CA MET B 206 -9.49 8.64 21.72
C MET B 206 -9.48 10.14 21.45
N LEU B 207 -10.46 10.58 20.68
CA LEU B 207 -10.52 11.96 20.24
C LEU B 207 -11.52 12.68 21.11
N ILE B 208 -11.02 13.58 21.93
CA ILE B 208 -11.84 14.22 22.94
C ILE B 208 -12.17 15.64 22.53
N LYS B 209 -13.44 15.93 22.33
CA LYS B 209 -13.85 17.27 21.95
C LYS B 209 -13.78 18.20 23.16
N GLU B 210 -13.00 19.26 23.04
CA GLU B 210 -12.95 20.26 24.09
C GLU B 210 -14.32 20.91 24.25
N LYS B 211 -14.83 20.98 25.48
CA LYS B 211 -16.11 21.65 25.72
C LYS B 211 -16.03 23.12 25.36
N ASP B 212 -17.01 23.56 24.56
CA ASP B 212 -17.05 24.91 23.97
C ASP B 212 -15.84 25.17 23.08
N GLY B 213 -15.16 24.11 22.66
CA GLY B 213 -13.99 24.27 21.81
C GLY B 213 -14.37 24.57 20.36
N GLY B 214 -15.61 24.26 20.00
CA GLY B 214 -16.11 24.63 18.69
C GLY B 214 -15.69 23.74 17.52
N SER B 215 -15.02 22.62 17.79
CA SER B 215 -14.67 21.69 16.71
C SER B 215 -15.92 21.26 15.97
N LEU B 216 -15.90 21.40 14.64
CA LEU B 216 -17.04 21.01 13.83
C LEU B 216 -16.97 19.51 13.48
N GLU B 217 -18.13 18.86 13.45
CA GLU B 217 -18.25 17.43 13.19
C GLU B 217 -17.50 16.96 11.94
N HIS B 218 -17.70 17.64 10.82
CA HIS B 218 -17.06 17.23 9.57
C HIS B 218 -15.55 17.52 9.57
N ASP B 219 -15.13 18.54 10.31
CA ASP B 219 -13.70 18.83 10.44
C ASP B 219 -12.96 17.73 11.17
N ILE B 220 -13.58 17.20 12.23
CA ILE B 220 -12.97 16.14 12.99
C ILE B 220 -12.69 14.92 12.11
N THR B 221 -13.68 14.50 11.33
CA THR B 221 -13.50 13.32 10.49
C THR B 221 -12.64 13.64 9.27
N SER B 222 -12.60 14.91 8.84
CA SER B 222 -11.66 15.30 7.80
C SER B 222 -10.21 15.18 8.31
N GLN B 223 -9.98 15.59 9.55
CA GLN B 223 -8.66 15.41 10.16
C GLN B 223 -8.32 13.93 10.27
N ILE B 224 -9.32 13.12 10.61
CA ILE B 224 -9.16 11.67 10.74
C ILE B 224 -8.79 11.01 9.42
N GLN B 225 -9.41 11.49 8.36
CA GLN B 225 -9.11 11.01 7.00
C GLN B 225 -7.63 11.20 6.68
N ALA B 226 -7.12 12.38 7.01
CA ALA B 226 -5.71 12.68 6.81
C ALA B 226 -4.82 11.76 7.65
N VAL B 227 -5.20 11.48 8.90
CA VAL B 227 -4.42 10.54 9.69
C VAL B 227 -4.37 9.18 9.00
N THR B 228 -5.55 8.76 8.56
CA THR B 228 -5.71 7.45 7.93
C THR B 228 -4.87 7.33 6.67
N THR B 229 -4.84 8.40 5.89
CA THR B 229 -4.00 8.43 4.70
C THR B 229 -2.52 8.34 5.08
N SER B 230 -2.13 9.08 6.12
CA SER B 230 -0.71 9.09 6.51
C SER B 230 -0.27 7.71 7.02
N LEU B 231 -1.21 6.93 7.53
CA LEU B 231 -0.87 5.65 8.13
C LEU B 231 -1.21 4.47 7.22
N LYS B 232 -1.57 4.77 5.98
CA LYS B 232 -1.94 3.70 5.05
C LYS B 232 -0.86 2.62 4.95
N PHE B 233 0.40 3.03 4.95
CA PHE B 233 1.49 2.06 4.81
C PHE B 233 1.55 1.05 5.96
N LEU B 234 1.02 1.43 7.12
CA LEU B 234 0.95 0.49 8.23
C LEU B 234 -0.35 -0.31 8.22
N ILE B 235 -1.38 0.24 7.58
CA ILE B 235 -2.68 -0.41 7.58
C ILE B 235 -2.80 -1.43 6.46
N ASP B 236 -2.40 -1.03 5.25
CA ASP B 236 -2.49 -1.92 4.09
C ASP B 236 -1.58 -3.13 4.21
N SER B 237 -0.47 -2.96 4.93
CA SER B 237 0.51 -4.03 5.14
C SER B 237 0.09 -4.97 6.27
N GLY B 238 -0.97 -4.62 6.97
CA GLY B 238 -1.48 -5.45 8.04
C GLY B 238 -0.79 -5.30 9.39
N PHE B 239 -0.01 -4.24 9.59
CA PHE B 239 0.62 -4.03 10.88
C PHE B 239 -0.39 -3.55 11.92
N ILE B 240 -1.28 -2.64 11.53
CA ILE B 240 -2.29 -2.13 12.44
C ILE B 240 -3.64 -2.01 11.78
N THR B 241 -4.69 -1.98 12.59
CA THR B 241 -5.98 -1.46 12.18
C THR B 241 -6.21 -0.27 13.10
N VAL B 242 -6.97 0.72 12.64
CA VAL B 242 -7.10 1.93 13.43
C VAL B 242 -8.56 2.18 13.79
N LYS B 243 -8.76 2.57 15.04
CA LYS B 243 -10.09 2.92 15.53
C LYS B 243 -10.03 4.36 16.04
N TYR B 244 -11.00 5.16 15.64
CA TYR B 244 -11.09 6.52 16.12
C TYR B 244 -12.37 6.66 16.92
N THR B 245 -12.24 6.96 18.21
CA THR B 245 -13.40 7.11 19.07
C THR B 245 -13.57 8.57 19.43
N ILE B 246 -14.63 9.19 18.93
CA ILE B 246 -14.87 10.61 19.16
C ILE B 246 -15.82 10.78 20.34
N LYS B 247 -15.37 11.49 21.37
CA LYS B 247 -16.16 11.64 22.58
C LYS B 247 -16.31 13.08 22.98
N ASP B 248 -17.49 13.42 23.49
CA ASP B 248 -17.70 14.71 24.12
C ASP B 248 -17.09 14.70 25.52
N SER B 249 -16.74 15.88 26.02
CA SER B 249 -16.21 16.00 27.37
C SER B 249 -16.81 17.20 28.07
N SER B 250 -16.46 17.35 29.34
CA SER B 250 -16.80 18.56 30.07
C SER B 250 -15.53 19.36 30.37
N HIS B 251 -14.49 19.11 29.58
CA HIS B 251 -13.21 19.80 29.76
C HIS B 251 -13.09 21.02 28.85
N LYS B 252 -13.01 22.20 29.46
CA LYS B 252 -12.86 23.44 28.70
C LYS B 252 -11.40 23.87 28.72
N GLY B 253 -11.04 24.74 27.78
CA GLY B 253 -9.69 25.27 27.78
C GLY B 253 -9.53 26.21 28.96
N GLY B 254 -8.29 26.36 29.41
CA GLY B 254 -7.96 27.24 30.51
C GLY B 254 -7.82 28.67 30.04
N ALA B 255 -7.70 29.59 31.00
CA ALA B 255 -7.57 31.00 30.67
C ALA B 255 -6.27 31.23 29.89
N SER B 256 -5.27 30.39 30.12
CA SER B 256 -3.98 30.56 29.46
C SER B 256 -3.80 29.71 28.20
N ASP B 257 -3.99 30.31 27.04
CA ASP B 257 -3.89 29.61 25.76
C ASP B 257 -2.51 28.96 25.48
N TYR B 258 -1.74 28.64 26.53
CA TYR B 258 -0.40 28.07 26.38
C TYR B 258 -0.43 26.54 26.22
N GLU B 259 0.30 26.03 25.22
CA GLU B 259 0.19 24.62 24.81
C GLU B 259 0.55 23.63 25.92
N VAL B 260 1.62 23.92 26.65
CA VAL B 260 2.09 23.01 27.70
C VAL B 260 1.05 22.89 28.81
N SER B 261 0.52 24.03 29.24
CA SER B 261 -0.53 24.07 30.25
C SER B 261 -1.79 23.36 29.75
N ALA B 262 -2.13 23.61 28.50
CA ALA B 262 -3.32 23.01 27.91
C ALA B 262 -3.21 21.48 27.87
N LEU B 263 -2.04 20.96 27.49
CA LEU B 263 -1.85 19.52 27.45
C LEU B 263 -1.87 18.88 28.84
N GLU B 264 -1.12 19.47 29.78
CA GLU B 264 -1.10 18.97 31.15
C GLU B 264 -2.49 19.04 31.78
N SER B 265 -3.20 20.13 31.53
CA SER B 265 -4.55 20.27 32.06
C SER B 265 -5.47 19.19 31.48
N PHE B 266 -5.30 18.90 30.19
CA PHE B 266 -6.03 17.83 29.52
C PHE B 266 -5.75 16.48 30.18
N GLN B 267 -4.48 16.19 30.41
CA GLN B 267 -4.10 14.93 31.01
C GLN B 267 -4.62 14.82 32.44
N ASN B 268 -4.59 15.94 33.18
CA ASN B 268 -5.13 15.95 34.53
C ASN B 268 -6.63 15.61 34.54
N TYR B 269 -7.35 16.17 33.58
CA TYR B 269 -8.77 15.87 33.42
C TYR B 269 -9.02 14.40 33.13
N LEU B 270 -8.25 13.83 32.22
CA LEU B 270 -8.41 12.42 31.85
C LEU B 270 -8.20 11.50 33.05
N ARG B 271 -7.26 11.85 33.90
CA ARG B 271 -6.87 10.97 35.01
C ARG B 271 -7.92 10.85 36.11
N SER B 272 -8.86 11.79 36.15
CA SER B 272 -9.95 11.70 37.11
C SER B 272 -11.32 11.64 36.39
N TRP B 273 -11.29 11.37 35.09
CA TRP B 273 -12.50 11.22 34.29
C TRP B 273 -12.97 9.76 34.33
N ASP B 274 -14.06 9.50 35.02
CA ASP B 274 -14.51 8.12 35.22
C ASP B 274 -14.98 7.46 33.91
N GLU B 275 -15.36 8.27 32.94
CA GLU B 275 -15.78 7.77 31.63
C GLU B 275 -14.67 7.01 30.89
N VAL B 276 -13.40 7.28 31.23
CA VAL B 276 -12.30 6.61 30.55
C VAL B 276 -11.42 5.87 31.55
N LYS B 277 -11.97 5.60 32.73
CA LYS B 277 -11.24 4.88 33.76
C LYS B 277 -10.86 3.51 33.21
N GLY B 278 -9.58 3.15 33.39
CA GLY B 278 -9.08 1.89 32.89
C GLY B 278 -8.74 1.87 31.40
N GLN B 279 -8.96 2.98 30.70
CA GLN B 279 -8.56 3.09 29.30
C GLN B 279 -7.34 3.99 29.18
N ASP B 280 -6.40 3.84 30.12
CA ASP B 280 -5.29 4.78 30.25
C ASP B 280 -4.12 4.50 29.32
N LYS B 281 -4.21 3.43 28.54
CA LYS B 281 -3.09 3.01 27.70
C LYS B 281 -3.39 3.24 26.22
N LYS B 282 -4.18 4.27 25.94
CA LYS B 282 -4.51 4.66 24.57
C LYS B 282 -4.04 6.09 24.33
N PRO B 283 -3.79 6.45 23.07
CA PRO B 283 -3.52 7.86 22.74
C PRO B 283 -4.78 8.71 22.88
N TYR B 284 -4.67 9.85 23.56
CA TYR B 284 -5.77 10.79 23.71
C TYR B 284 -5.43 12.13 23.07
N ILE B 285 -6.31 12.63 22.22
CA ILE B 285 -6.06 13.93 21.61
C ILE B 285 -7.24 14.85 21.88
N LEU B 286 -6.94 16.02 22.44
CA LEU B 286 -7.95 17.05 22.69
C LEU B 286 -8.19 17.91 21.46
N LEU B 287 -9.46 18.09 21.08
CA LEU B 287 -9.78 18.81 19.85
C LEU B 287 -10.56 20.10 20.08
N ARG B 288 -10.09 21.19 19.46
CA ARG B 288 -10.82 22.47 19.45
C ARG B 288 -10.74 23.07 18.05
N ASP B 289 -11.64 24.00 17.73
CA ASP B 289 -11.58 24.63 16.41
C ASP B 289 -10.42 25.62 16.31
N GLY B 290 -10.14 26.31 17.43
CA GLY B 290 -9.14 27.35 17.43
C GLY B 290 -7.73 26.83 17.60
N THR B 291 -6.88 27.68 18.15
CA THR B 291 -5.46 27.37 18.32
C THR B 291 -4.98 27.78 19.71
N TRP B 292 -3.69 27.63 19.95
CA TRP B 292 -3.09 28.05 21.22
C TRP B 292 -1.99 29.09 21.01
N ASP B 293 -1.53 29.68 22.11
CA ASP B 293 -0.42 30.64 22.11
C ASP B 293 -0.64 31.76 21.10
N SER B 294 -1.76 32.45 21.26
CA SER B 294 -2.12 33.58 20.39
C SER B 294 -2.01 33.23 18.91
N GLY B 295 -2.51 32.06 18.54
CA GLY B 295 -2.55 31.66 17.14
C GLY B 295 -1.29 31.00 16.60
N LYS B 296 -0.24 30.93 17.42
CA LYS B 296 1.04 30.42 16.94
C LYS B 296 1.18 28.90 17.05
N THR B 297 0.37 28.27 17.88
CA THR B 297 0.45 26.83 18.07
C THR B 297 -0.81 26.15 17.56
N PHE B 298 -0.65 25.18 16.66
CA PHE B 298 -1.79 24.50 16.05
C PHE B 298 -2.06 23.16 16.69
N GLY B 299 -1.02 22.59 17.30
CA GLY B 299 -1.10 21.29 17.94
C GLY B 299 0.12 21.09 18.79
N TYR B 300 0.07 20.12 19.71
CA TYR B 300 1.19 19.87 20.60
C TYR B 300 1.08 18.44 21.13
N ALA B 301 2.18 17.69 20.98
CA ALA B 301 2.22 16.28 21.34
C ALA B 301 3.01 16.10 22.61
N SER B 302 2.62 15.12 23.42
CA SER B 302 3.28 14.89 24.69
C SER B 302 4.73 14.47 24.52
N GLY B 303 5.03 13.82 23.40
CA GLY B 303 6.39 13.37 23.14
C GLY B 303 6.54 12.79 21.74
N ILE B 304 7.78 12.52 21.36
CA ILE B 304 8.04 11.87 20.09
C ILE B 304 8.35 10.39 20.29
N GLY B 305 7.60 9.52 19.61
CA GLY B 305 7.87 8.09 19.67
C GLY B 305 7.45 7.45 20.98
N VAL B 306 6.19 7.66 21.36
CA VAL B 306 5.70 7.18 22.64
C VAL B 306 4.57 6.17 22.51
N ILE B 307 4.14 5.88 21.28
CA ILE B 307 3.09 4.88 21.06
C ILE B 307 3.70 3.53 20.77
N HIS B 308 3.47 2.57 21.66
CA HIS B 308 4.01 1.21 21.50
C HIS B 308 2.88 0.17 21.53
N LEU B 309 2.82 -0.68 20.52
CA LEU B 309 1.74 -1.66 20.40
C LEU B 309 1.84 -2.81 21.40
N ASN B 310 3.06 -3.25 21.71
CA ASN B 310 3.28 -4.40 22.58
C ASN B 310 3.39 -4.03 24.05
N ASN B 311 4.03 -2.89 24.33
CA ASN B 311 4.09 -2.37 25.71
C ASN B 311 3.68 -0.91 25.78
N PRO B 312 2.36 -0.65 25.67
CA PRO B 312 1.87 0.73 25.63
C PRO B 312 2.12 1.45 26.94
N ARG B 313 2.49 2.71 26.87
CA ARG B 313 2.57 3.56 28.05
C ARG B 313 1.17 3.72 28.68
N GLY B 314 1.13 3.90 29.99
CA GLY B 314 -0.14 4.03 30.70
C GLY B 314 -0.35 5.41 31.29
N ASN B 315 -1.36 5.53 32.16
CA ASN B 315 -1.66 6.75 32.90
C ASN B 315 -1.82 7.97 31.99
N PHE B 316 -2.40 7.75 30.81
CA PHE B 316 -2.71 8.83 29.87
C PHE B 316 -1.48 9.65 29.51
N GLU B 317 -0.32 9.01 29.50
CA GLU B 317 0.94 9.70 29.19
C GLU B 317 1.07 10.01 27.71
N VAL B 318 0.36 9.27 26.88
CA VAL B 318 0.36 9.51 25.45
C VAL B 318 -0.84 10.36 25.07
N ALA B 319 -0.56 11.64 24.82
CA ALA B 319 -1.61 12.60 24.58
C ALA B 319 -1.14 13.74 23.69
N ALA B 320 -2.11 14.44 23.11
CA ALA B 320 -1.82 15.61 22.31
C ALA B 320 -3.02 16.53 22.35
N ILE B 321 -2.84 17.75 21.85
CA ILE B 321 -3.93 18.65 21.60
C ILE B 321 -3.83 19.06 20.14
N SER B 322 -4.96 19.34 19.50
CA SER B 322 -4.93 19.65 18.08
C SER B 322 -6.09 20.52 17.68
N THR B 323 -5.82 21.48 16.80
CA THR B 323 -6.90 22.20 16.16
C THR B 323 -7.59 21.26 15.18
N THR B 324 -8.84 21.54 14.84
CA THR B 324 -9.53 20.79 13.81
C THR B 324 -9.85 21.66 12.59
N SER B 325 -9.46 22.93 12.65
CA SER B 325 -9.77 23.86 11.57
C SER B 325 -9.27 23.41 10.19
N SER B 326 -10.12 23.60 9.19
CA SER B 326 -9.78 23.37 7.78
C SER B 326 -8.56 24.15 7.32
N SER B 327 -8.26 25.27 8.00
CA SER B 327 -7.08 26.07 7.69
C SER B 327 -5.81 25.29 8.04
N HIS B 328 -5.96 24.29 8.91
CA HIS B 328 -4.85 23.44 9.31
C HIS B 328 -5.26 21.98 9.16
N PRO B 329 -5.46 21.55 7.91
CA PRO B 329 -6.17 20.27 7.69
C PRO B 329 -5.42 19.03 8.14
N TYR B 330 -4.10 19.11 8.33
CA TYR B 330 -3.32 17.91 8.59
C TYR B 330 -2.65 17.92 9.97
N THR B 331 -3.10 18.83 10.84
CA THR B 331 -2.43 19.01 12.14
C THR B 331 -2.57 17.78 13.03
N LEU B 332 -3.74 17.15 13.01
CA LEU B 332 -3.94 15.93 13.81
C LEU B 332 -3.00 14.81 13.34
N ALA B 333 -2.91 14.64 12.04
CA ALA B 333 -2.05 13.61 11.47
C ALA B 333 -0.59 13.90 11.80
N HIS B 334 -0.21 15.17 11.76
CA HIS B 334 1.15 15.60 12.06
C HIS B 334 1.51 15.27 13.52
N GLU B 335 0.62 15.65 14.44
CA GLU B 335 0.82 15.38 15.86
C GLU B 335 0.92 13.88 16.12
N ILE B 336 0.00 13.14 15.52
CA ILE B 336 0.01 11.69 15.69
C ILE B 336 1.29 11.10 15.07
N GLY B 337 1.77 11.72 14.00
CA GLY B 337 3.07 11.35 13.45
C GLY B 337 4.18 11.41 14.50
N HIS B 338 4.23 12.52 15.22
CA HIS B 338 5.20 12.68 16.30
C HIS B 338 5.02 11.59 17.36
N LEU B 339 3.76 11.32 17.74
CA LEU B 339 3.51 10.32 18.78
C LEU B 339 4.01 8.96 18.34
N LEU B 340 4.01 8.73 17.03
CA LEU B 340 4.45 7.45 16.48
C LEU B 340 5.96 7.41 16.24
N GLY B 341 6.64 8.55 16.42
CA GLY B 341 8.09 8.57 16.28
C GLY B 341 8.65 9.43 15.18
N ALA B 342 7.77 9.99 14.35
CA ALA B 342 8.22 10.82 13.23
C ALA B 342 8.79 12.15 13.70
N GLU B 343 9.83 12.61 13.01
CA GLU B 343 10.45 13.89 13.30
C GLU B 343 10.27 14.86 12.14
N HIS B 344 10.51 16.14 12.38
CA HIS B 344 10.37 17.14 11.33
C HIS B 344 11.38 16.91 10.23
N VAL B 345 10.99 17.22 8.99
CA VAL B 345 11.86 17.09 7.83
C VAL B 345 11.76 18.34 6.96
N ASP B 346 12.66 18.48 6.00
CA ASP B 346 12.72 19.67 5.17
C ASP B 346 12.04 19.50 3.79
N ASN B 347 11.22 18.46 3.65
CA ASN B 347 10.48 18.26 2.41
C ASN B 347 9.11 18.91 2.54
N GLU B 348 8.87 19.92 1.71
CA GLU B 348 7.68 20.76 1.82
C GLU B 348 6.38 20.02 1.52
N GLN B 349 6.49 18.86 0.87
CA GLN B 349 5.30 18.07 0.60
C GLN B 349 5.05 17.03 1.68
N ASP B 350 6.04 16.82 2.54
CA ASP B 350 5.92 15.82 3.61
C ASP B 350 5.02 16.33 4.72
N LEU B 351 4.19 15.43 5.25
CA LEU B 351 3.33 15.74 6.39
C LEU B 351 4.11 16.35 7.54
N MET B 352 5.34 15.89 7.73
CA MET B 352 6.15 16.31 8.88
C MET B 352 7.06 17.49 8.55
N TYR B 353 6.73 18.22 7.48
CA TYR B 353 7.43 19.45 7.13
C TYR B 353 7.42 20.42 8.30
N THR B 354 8.57 21.04 8.56
CA THR B 354 8.76 21.92 9.72
C THR B 354 7.91 23.20 9.68
N TRP B 355 7.46 23.61 8.50
CA TRP B 355 6.73 24.88 8.40
C TRP B 355 5.32 24.73 7.86
N TYR B 356 4.48 25.69 8.25
CA TYR B 356 3.08 25.74 7.84
C TYR B 356 3.00 26.20 6.38
N SER B 357 2.61 25.28 5.50
CA SER B 357 2.60 25.53 4.06
C SER B 357 1.44 24.85 3.34
N PRO B 358 0.97 25.47 2.24
CA PRO B 358 -0.11 24.88 1.44
C PRO B 358 0.39 23.76 0.53
N GLN B 359 1.69 23.47 0.60
CA GLN B 359 2.29 22.40 -0.20
C GLN B 359 2.29 21.05 0.52
N VAL B 360 2.05 21.08 1.83
CA VAL B 360 2.08 19.86 2.64
C VAL B 360 0.99 18.89 2.22
N THR B 361 1.34 17.61 2.11
CA THR B 361 0.37 16.56 1.83
C THR B 361 0.30 15.65 3.06
N PRO B 362 -0.81 14.90 3.22
CA PRO B 362 -0.90 14.04 4.40
C PRO B 362 -0.16 12.71 4.24
N ASN B 363 1.10 12.77 3.83
CA ASN B 363 1.90 11.57 3.55
C ASN B 363 3.26 11.60 4.24
N HIS B 364 3.64 10.49 4.84
CA HIS B 364 5.00 10.36 5.32
C HIS B 364 5.86 9.95 4.14
N LEU B 365 6.69 10.87 3.67
CA LEU B 365 7.52 10.60 2.50
C LEU B 365 8.95 10.28 2.89
N SER B 366 9.29 10.46 4.16
CA SER B 366 10.65 10.19 4.63
C SER B 366 10.83 8.74 5.08
N ALA B 367 11.70 8.01 4.39
CA ALA B 367 12.03 6.64 4.76
C ALA B 367 12.55 6.57 6.20
N ASP B 368 13.32 7.58 6.60
CA ASP B 368 13.85 7.64 7.96
C ASP B 368 12.73 7.75 8.97
N ASN B 369 11.68 8.50 8.65
CA ASN B 369 10.51 8.53 9.51
C ASN B 369 9.76 7.19 9.52
N TRP B 370 9.71 6.50 8.38
CA TRP B 370 9.12 5.15 8.38
C TRP B 370 9.85 4.24 9.36
N VAL B 371 11.18 4.28 9.30
CA VAL B 371 12.00 3.49 10.20
C VAL B 371 11.70 3.85 11.67
N ARG B 372 11.70 5.14 11.98
CA ARG B 372 11.39 5.58 13.34
C ARG B 372 10.04 5.07 13.82
N MET B 373 9.04 5.14 12.95
CA MET B 373 7.68 4.74 13.33
C MET B 373 7.59 3.22 13.47
N LEU B 374 8.25 2.49 12.57
CA LEU B 374 8.25 1.03 12.65
C LEU B 374 8.93 0.54 13.91
N GLU B 375 10.04 1.18 14.27
CA GLU B 375 10.78 0.81 15.45
C GLU B 375 10.00 1.17 16.70
N CYS B 376 9.31 2.31 16.65
CA CYS B 376 8.55 2.77 17.80
C CYS B 376 7.39 1.85 18.14
N ILE B 377 6.58 1.50 17.13
CA ILE B 377 5.37 0.73 17.40
C ILE B 377 5.64 -0.71 17.82
N GLN B 378 6.82 -1.24 17.51
CA GLN B 378 7.15 -2.61 17.87
C GLN B 378 7.41 -2.79 19.37
N LYS B 379 7.86 -1.72 20.01
CA LYS B 379 8.16 -1.78 21.44
C LYS B 379 6.94 -2.18 22.28
#